data_4ZWV
#
_entry.id   4ZWV
#
_cell.length_a   204.137
_cell.length_b   73.025
_cell.length_c   58.607
_cell.angle_alpha   90.000
_cell.angle_beta   103.680
_cell.angle_gamma   90.000
#
_symmetry.space_group_name_H-M   'C 1 2 1'
#
loop_
_entity.id
_entity.type
_entity.pdbx_description
1 polymer 'Putative aminotransferase'
2 non-polymer GLYCEROL
3 water water
#
_entity_poly.entity_id   1
_entity_poly.type   'polypeptide(L)'
_entity_poly.pdbx_seq_one_letter_code
;SNA(MSE)IPLFKVAVSPTALDRVAEVFASGYLGQGPRVAEFESALAARLGNPRVVSVHSGTSGLCLALRLLDAPEERDE
VLSTPLTFEATNWAILADGRRITWVDVDPATLT(MSE)DLDDLERKISPATRAIIVVHWTGYPVDLDRLAGILDRAEREH
GFRPAVIEDCAHAWGASYRGVPLGSHGN(MSE)CVFSFQAL(LLP)HLTCGDGGLLTLPGDELHERA(MSE)LRRFYGID
RTADRLRGAYDVAEWGLKWH(MSE)TDLNAAIGLANLETVDEQLRLHRENAAFYDKELTGVPGLELLQRSPDREGSFYVY
DVKVDDRPAFHRK(MSE)EAAGI(MSE)AGLVSRRNDEHSCVAHLRTSLPGLDSVYDR(MSE)VSLPVGWWLTEQDREHV
VATIRSGW
;
_entity_poly.pdbx_strand_id   A,B
#
# COMPACT_ATOMS: atom_id res chain seq x y z
N ALA A 3 7.43 7.16 34.63
CA ALA A 3 6.91 6.95 33.28
C ALA A 3 6.49 5.50 33.07
N ILE A 5 5.95 1.80 31.61
CA ILE A 5 6.62 0.76 30.85
C ILE A 5 5.73 0.35 29.68
N PRO A 6 6.14 0.62 28.43
CA PRO A 6 5.26 0.36 27.29
C PRO A 6 5.28 -1.11 26.83
N LEU A 7 4.18 -1.52 26.21
CA LEU A 7 4.03 -2.87 25.69
C LEU A 7 4.80 -3.03 24.38
N PHE A 8 4.91 -1.93 23.64
CA PHE A 8 5.60 -1.87 22.35
C PHE A 8 6.49 -0.64 22.32
N LYS A 9 7.56 -0.68 21.55
CA LYS A 9 8.44 0.48 21.42
C LYS A 9 9.21 0.40 20.11
N VAL A 10 9.43 1.55 19.48
CA VAL A 10 10.16 1.59 18.22
C VAL A 10 11.66 1.44 18.44
N ALA A 11 12.29 0.54 17.69
CA ALA A 11 13.74 0.40 17.72
C ALA A 11 14.36 1.00 16.47
N VAL A 12 14.73 2.28 16.52
N VAL A 12 14.72 2.28 16.54
CA VAL A 12 15.37 2.90 15.35
CA VAL A 12 15.39 2.96 15.44
C VAL A 12 16.78 3.37 15.70
C VAL A 12 16.82 3.30 15.79
N SER A 13 17.75 2.82 14.97
CA SER A 13 19.15 3.06 15.22
C SER A 13 19.52 4.51 15.02
N PRO A 14 20.47 5.00 15.83
CA PRO A 14 21.04 6.32 15.57
C PRO A 14 21.86 6.37 14.29
N THR A 15 21.99 5.24 13.60
CA THR A 15 22.64 5.23 12.29
C THR A 15 21.65 5.37 11.14
N ALA A 16 20.36 5.32 11.43
CA ALA A 16 19.35 5.42 10.38
C ALA A 16 19.42 6.76 9.64
N LEU A 17 19.68 7.84 10.38
CA LEU A 17 19.72 9.16 9.74
C LEU A 17 20.84 9.20 8.70
N ASP A 18 21.97 8.59 9.01
CA ASP A 18 23.10 8.49 8.07
C ASP A 18 22.67 7.77 6.79
N ARG A 19 21.92 6.69 6.93
CA ARG A 19 21.49 5.94 5.76
C ARG A 19 20.46 6.71 4.94
N VAL A 20 19.55 7.39 5.61
CA VAL A 20 18.55 8.19 4.90
C VAL A 20 19.23 9.35 4.17
N ALA A 21 20.23 9.96 4.78
CA ALA A 21 20.98 11.02 4.12
C ALA A 21 21.60 10.53 2.82
N GLU A 22 22.07 9.28 2.82
N GLU A 22 22.08 9.29 2.83
CA GLU A 22 22.66 8.68 1.62
CA GLU A 22 22.67 8.65 1.64
C GLU A 22 21.62 8.58 0.50
C GLU A 22 21.63 8.55 0.53
N VAL A 23 20.41 8.15 0.87
CA VAL A 23 19.33 8.05 -0.11
C VAL A 23 19.02 9.42 -0.69
N PHE A 24 18.82 10.41 0.17
CA PHE A 24 18.53 11.75 -0.32
C PHE A 24 19.66 12.30 -1.20
N ALA A 25 20.90 12.07 -0.79
CA ALA A 25 22.04 12.58 -1.53
C ALA A 25 22.17 11.93 -2.91
N SER A 26 21.73 10.68 -3.03
CA SER A 26 21.79 9.96 -4.29
C SER A 26 20.77 10.51 -5.28
N GLY A 27 19.70 11.11 -4.75
CA GLY A 27 18.62 11.62 -5.56
C GLY A 27 17.73 10.52 -6.09
N TYR A 28 17.98 9.29 -5.67
CA TYR A 28 17.10 8.19 -6.07
C TYR A 28 16.33 7.64 -4.88
N LEU A 29 15.03 7.92 -4.87
CA LEU A 29 14.17 7.59 -3.74
C LEU A 29 13.33 6.35 -4.01
N GLY A 30 13.37 5.86 -5.23
CA GLY A 30 12.58 4.69 -5.60
C GLY A 30 13.17 3.35 -5.19
N GLN A 31 12.65 2.30 -5.79
CA GLN A 31 13.13 0.95 -5.53
C GLN A 31 14.42 0.71 -6.31
N GLY A 32 15.55 0.67 -5.62
CA GLY A 32 16.84 0.62 -6.29
C GLY A 32 17.90 -0.14 -5.51
N PRO A 33 19.11 0.43 -5.43
CA PRO A 33 20.23 -0.30 -4.84
C PRO A 33 20.10 -0.59 -3.35
N ARG A 34 19.42 0.27 -2.58
CA ARG A 34 19.30 -0.03 -1.15
C ARG A 34 18.35 -1.21 -0.94
N VAL A 35 17.28 -1.27 -1.72
CA VAL A 35 16.37 -2.41 -1.68
C VAL A 35 17.14 -3.69 -2.00
N ALA A 36 17.96 -3.65 -3.04
CA ALA A 36 18.75 -4.82 -3.41
C ALA A 36 19.71 -5.23 -2.28
N GLU A 37 20.35 -4.25 -1.66
CA GLU A 37 21.27 -4.49 -0.55
C GLU A 37 20.56 -5.12 0.64
N PHE A 38 19.38 -4.59 0.96
CA PHE A 38 18.59 -5.07 2.09
C PHE A 38 18.09 -6.50 1.82
N GLU A 39 17.58 -6.74 0.61
CA GLU A 39 17.14 -8.09 0.26
C GLU A 39 18.27 -9.11 0.36
N SER A 40 19.46 -8.75 -0.12
N SER A 40 19.46 -8.74 -0.12
CA SER A 40 20.61 -9.65 -0.03
CA SER A 40 20.62 -9.60 -0.04
C SER A 40 20.97 -9.96 1.41
C SER A 40 20.94 -9.96 1.41
N ALA A 41 20.94 -8.94 2.27
CA ALA A 41 21.26 -9.14 3.68
C ALA A 41 20.23 -10.05 4.36
N LEU A 42 18.95 -9.84 4.04
CA LEU A 42 17.89 -10.64 4.62
C LEU A 42 17.95 -12.10 4.13
N ALA A 43 18.21 -12.27 2.84
CA ALA A 43 18.34 -13.61 2.26
C ALA A 43 19.42 -14.41 2.98
N ALA A 44 20.54 -13.76 3.25
CA ALA A 44 21.67 -14.43 3.91
C ALA A 44 21.30 -14.84 5.33
N ARG A 45 20.61 -13.95 6.04
CA ARG A 45 20.17 -14.26 7.39
C ARG A 45 19.15 -15.37 7.43
N LEU A 46 18.24 -15.37 6.46
CA LEU A 46 17.16 -16.34 6.43
C LEU A 46 17.54 -17.69 5.85
N GLY A 47 18.57 -17.72 5.00
CA GLY A 47 18.92 -18.94 4.29
C GLY A 47 17.93 -19.29 3.21
N ASN A 48 17.13 -18.31 2.81
CA ASN A 48 16.21 -18.45 1.67
C ASN A 48 16.55 -17.35 0.67
N PRO A 49 17.01 -17.74 -0.53
CA PRO A 49 17.39 -16.70 -1.50
C PRO A 49 16.21 -16.03 -2.17
N ARG A 50 15.02 -16.60 -2.01
CA ARG A 50 13.83 -16.10 -2.70
C ARG A 50 13.05 -15.16 -1.80
N VAL A 51 13.57 -13.94 -1.62
CA VAL A 51 12.90 -12.99 -0.75
C VAL A 51 12.55 -11.73 -1.54
N VAL A 52 11.38 -11.19 -1.25
CA VAL A 52 10.82 -10.08 -1.99
C VAL A 52 10.41 -8.99 -1.01
N SER A 53 11.12 -7.87 -1.00
CA SER A 53 10.72 -6.77 -0.12
C SER A 53 9.42 -6.14 -0.61
N VAL A 54 8.61 -5.74 0.34
CA VAL A 54 7.30 -5.16 0.05
C VAL A 54 7.04 -3.96 0.96
N HIS A 55 5.96 -3.23 0.67
CA HIS A 55 5.60 -2.00 1.37
C HIS A 55 5.34 -2.20 2.88
N SER A 56 4.75 -3.34 3.21
CA SER A 56 4.30 -3.63 4.55
C SER A 56 3.99 -5.11 4.63
N GLY A 57 3.83 -5.62 5.84
CA GLY A 57 3.36 -6.98 6.01
C GLY A 57 2.01 -7.16 5.34
N THR A 58 1.17 -6.14 5.47
CA THR A 58 -0.17 -6.18 4.89
C THR A 58 -0.09 -6.35 3.38
N SER A 59 0.76 -5.56 2.73
CA SER A 59 0.93 -5.71 1.28
C SER A 59 1.53 -7.07 0.92
N GLY A 60 2.42 -7.59 1.78
CA GLY A 60 2.96 -8.91 1.56
C GLY A 60 1.88 -9.99 1.56
N LEU A 61 0.96 -9.88 2.51
CA LEU A 61 -0.16 -10.83 2.59
C LEU A 61 -1.08 -10.70 1.38
N CYS A 62 -1.36 -9.47 0.94
CA CYS A 62 -2.20 -9.25 -0.23
C CYS A 62 -1.56 -9.86 -1.47
N LEU A 63 -0.26 -9.64 -1.63
CA LEU A 63 0.47 -10.22 -2.76
C LEU A 63 0.48 -11.74 -2.69
N ALA A 64 0.73 -12.30 -1.51
CA ALA A 64 0.72 -13.77 -1.38
C ALA A 64 -0.61 -14.37 -1.81
N LEU A 65 -1.71 -13.74 -1.40
CA LEU A 65 -3.04 -14.23 -1.78
C LEU A 65 -3.25 -14.11 -3.29
N ARG A 66 -2.77 -13.03 -3.89
N ARG A 66 -2.71 -13.03 -3.84
CA ARG A 66 -2.95 -12.88 -5.33
CA ARG A 66 -2.83 -12.75 -5.27
C ARG A 66 -2.17 -13.93 -6.11
C ARG A 66 -2.06 -13.76 -6.14
N LEU A 67 -1.07 -14.42 -5.53
CA LEU A 67 -0.24 -15.41 -6.23
C LEU A 67 -0.86 -16.82 -6.27
N LEU A 68 -1.93 -17.02 -5.50
CA LEU A 68 -2.54 -18.34 -5.42
C LEU A 68 -3.22 -18.72 -6.72
N ASP A 69 -3.08 -20.00 -7.07
CA ASP A 69 -3.75 -20.57 -8.22
C ASP A 69 -4.85 -21.51 -7.74
N ALA A 70 -6.08 -21.01 -7.75
CA ALA A 70 -7.24 -21.81 -7.38
C ALA A 70 -8.48 -21.24 -8.03
N PRO A 71 -9.45 -22.12 -8.36
CA PRO A 71 -10.70 -21.67 -8.98
C PRO A 71 -11.50 -20.77 -8.06
N GLU A 72 -12.35 -19.92 -8.63
N GLU A 72 -12.34 -19.93 -8.65
CA GLU A 72 -13.13 -18.99 -7.81
CA GLU A 72 -13.18 -19.00 -7.91
C GLU A 72 -14.08 -19.69 -6.85
C GLU A 72 -14.05 -19.70 -6.87
N GLU A 73 -14.54 -20.89 -7.21
CA GLU A 73 -15.44 -21.63 -6.32
C GLU A 73 -14.73 -22.10 -5.05
N ARG A 74 -13.41 -22.12 -5.05
CA ARG A 74 -12.69 -22.33 -3.79
C ARG A 74 -12.49 -20.95 -3.17
N ASP A 75 -13.52 -20.51 -2.44
CA ASP A 75 -13.60 -19.12 -2.00
C ASP A 75 -13.28 -18.94 -0.52
N GLU A 76 -12.90 -20.01 0.14
N GLU A 76 -12.97 -20.01 0.18
CA GLU A 76 -12.71 -20.01 1.57
CA GLU A 76 -12.77 -19.96 1.63
C GLU A 76 -11.24 -19.90 1.98
C GLU A 76 -11.30 -19.94 2.04
N VAL A 77 -10.93 -18.96 2.86
CA VAL A 77 -9.60 -18.94 3.47
C VAL A 77 -9.81 -19.18 4.96
N LEU A 78 -9.10 -20.17 5.48
CA LEU A 78 -9.18 -20.51 6.90
C LEU A 78 -8.19 -19.67 7.69
N SER A 79 -8.67 -19.05 8.77
CA SER A 79 -7.85 -18.13 9.54
C SER A 79 -8.42 -18.05 10.94
N THR A 80 -7.58 -17.73 11.93
N THR A 80 -7.58 -17.71 11.92
CA THR A 80 -8.08 -17.53 13.29
CA THR A 80 -8.04 -17.47 13.28
C THR A 80 -8.36 -16.04 13.50
C THR A 80 -8.37 -16.00 13.48
N PRO A 81 -9.30 -15.70 14.40
CA PRO A 81 -9.57 -14.30 14.67
C PRO A 81 -8.65 -13.68 15.71
N LEU A 82 -7.80 -14.48 16.35
CA LEU A 82 -6.87 -13.96 17.34
C LEU A 82 -5.60 -13.55 16.60
N THR A 83 -5.68 -12.38 15.96
N THR A 83 -5.72 -12.40 15.93
CA THR A 83 -4.55 -11.83 15.25
CA THR A 83 -4.69 -11.86 15.05
C THR A 83 -4.81 -10.35 15.00
C THR A 83 -4.81 -10.34 15.04
N PHE A 84 -3.84 -9.67 14.42
CA PHE A 84 -4.02 -8.28 14.05
C PHE A 84 -4.95 -8.26 12.83
N GLU A 85 -5.76 -7.21 12.72
CA GLU A 85 -6.81 -7.18 11.70
C GLU A 85 -6.29 -7.34 10.27
N ALA A 86 -5.06 -6.89 10.02
CA ALA A 86 -4.47 -7.01 8.68
C ALA A 86 -4.54 -8.42 8.12
N THR A 87 -4.30 -9.41 8.97
CA THR A 87 -4.30 -10.81 8.53
C THR A 87 -5.60 -11.15 7.83
N ASN A 88 -6.68 -10.74 8.46
CA ASN A 88 -8.00 -11.12 7.98
C ASN A 88 -8.59 -10.13 6.99
N TRP A 89 -8.25 -8.85 7.11
CA TRP A 89 -8.80 -7.92 6.13
C TRP A 89 -8.15 -8.14 4.75
N ALA A 90 -6.92 -8.62 4.73
CA ALA A 90 -6.29 -9.00 3.45
C ALA A 90 -7.13 -10.04 2.72
N ILE A 91 -7.72 -10.97 3.46
CA ILE A 91 -8.58 -11.99 2.88
C ILE A 91 -9.82 -11.37 2.25
N LEU A 92 -10.45 -10.45 2.97
CA LEU A 92 -11.66 -9.80 2.46
C LEU A 92 -11.34 -8.95 1.23
N ALA A 93 -10.19 -8.27 1.25
CA ALA A 93 -9.79 -7.42 0.12
C ALA A 93 -9.47 -8.26 -1.11
N ASP A 94 -9.09 -9.51 -0.87
CA ASP A 94 -8.80 -10.46 -1.96
C ASP A 94 -10.10 -11.03 -2.56
N GLY A 95 -11.25 -10.65 -2.00
CA GLY A 95 -12.54 -11.11 -2.50
C GLY A 95 -12.97 -12.47 -2.01
N ARG A 96 -12.36 -12.95 -0.92
CA ARG A 96 -12.66 -14.28 -0.41
C ARG A 96 -13.48 -14.25 0.87
N ARG A 97 -13.91 -15.42 1.31
N ARG A 97 -13.97 -15.41 1.27
CA ARG A 97 -14.69 -15.59 2.51
CA ARG A 97 -14.66 -15.55 2.54
C ARG A 97 -13.85 -16.19 3.64
C ARG A 97 -13.66 -15.99 3.59
N ILE A 98 -13.89 -15.58 4.82
CA ILE A 98 -13.14 -16.10 5.97
C ILE A 98 -13.94 -17.20 6.65
N THR A 99 -13.31 -18.33 6.91
CA THR A 99 -13.89 -19.34 7.79
C THR A 99 -13.01 -19.38 9.03
N TRP A 100 -13.59 -18.99 10.16
CA TRP A 100 -12.81 -18.89 11.38
C TRP A 100 -12.39 -20.25 11.93
N VAL A 101 -11.14 -20.33 12.36
CA VAL A 101 -10.61 -21.49 13.05
C VAL A 101 -10.37 -21.11 14.51
N ASP A 102 -10.65 -22.05 15.40
CA ASP A 102 -10.53 -21.82 16.83
C ASP A 102 -9.07 -21.70 17.24
N VAL A 103 -8.88 -21.31 18.49
CA VAL A 103 -7.58 -21.11 19.10
C VAL A 103 -7.31 -22.20 20.15
N ASP A 104 -6.08 -22.72 20.17
CA ASP A 104 -5.65 -23.64 21.22
C ASP A 104 -5.39 -22.83 22.50
N PRO A 105 -6.18 -23.09 23.56
CA PRO A 105 -6.01 -22.32 24.80
C PRO A 105 -4.61 -22.44 25.41
N ALA A 106 -3.91 -23.54 25.11
CA ALA A 106 -2.59 -23.77 25.69
C ALA A 106 -1.47 -22.97 25.01
N THR A 107 -1.72 -22.49 23.80
CA THR A 107 -0.68 -21.79 23.03
C THR A 107 -1.09 -20.40 22.53
N LEU A 108 -2.40 -20.16 22.48
CA LEU A 108 -3.00 -18.98 21.85
C LEU A 108 -2.64 -18.89 20.36
N THR A 109 -2.37 -20.02 19.74
CA THR A 109 -2.26 -20.04 18.28
C THR A 109 -3.32 -20.99 17.74
N ASP A 111 -5.86 -23.64 16.55
CA ASP A 111 -6.19 -25.00 16.94
C ASP A 111 -6.14 -25.88 15.67
N LEU A 112 -5.12 -26.71 15.56
CA LEU A 112 -4.95 -27.48 14.32
C LEU A 112 -5.93 -28.64 14.20
N ASP A 113 -6.51 -29.09 15.31
CA ASP A 113 -7.59 -30.08 15.25
C ASP A 113 -8.80 -29.46 14.58
N ASP A 114 -9.10 -28.23 14.97
CA ASP A 114 -10.23 -27.51 14.40
C ASP A 114 -9.95 -27.19 12.94
N LEU A 115 -8.71 -26.84 12.63
CA LEU A 115 -8.32 -26.60 11.25
C LEU A 115 -8.64 -27.81 10.37
N GLU A 116 -8.19 -28.98 10.80
CA GLU A 116 -8.38 -30.16 9.98
C GLU A 116 -9.87 -30.46 9.76
N ARG A 117 -10.69 -30.24 10.78
CA ARG A 117 -12.13 -30.44 10.65
C ARG A 117 -12.79 -29.47 9.67
N LYS A 118 -12.17 -28.31 9.47
CA LYS A 118 -12.82 -27.26 8.67
C LYS A 118 -12.33 -27.15 7.24
N ILE A 119 -11.28 -27.87 6.89
CA ILE A 119 -10.87 -27.93 5.49
C ILE A 119 -11.99 -28.59 4.69
N SER A 120 -12.35 -27.98 3.57
CA SER A 120 -13.53 -28.40 2.82
C SER A 120 -13.23 -28.29 1.32
N PRO A 121 -14.16 -28.78 0.47
CA PRO A 121 -13.97 -28.56 -0.96
C PRO A 121 -13.87 -27.09 -1.37
N ALA A 122 -14.29 -26.17 -0.50
CA ALA A 122 -14.19 -24.74 -0.80
C ALA A 122 -12.89 -24.09 -0.34
N THR A 123 -12.05 -24.83 0.35
CA THR A 123 -10.84 -24.24 0.94
C THR A 123 -9.81 -23.85 -0.10
N ARG A 124 -9.53 -22.56 -0.14
CA ARG A 124 -8.55 -22.01 -1.04
C ARG A 124 -7.14 -21.99 -0.45
N ALA A 125 -7.07 -21.62 0.82
CA ALA A 125 -5.80 -21.38 1.49
C ALA A 125 -6.02 -21.32 2.98
N ILE A 126 -4.91 -21.39 3.72
CA ILE A 126 -4.91 -21.28 5.17
C ILE A 126 -3.87 -20.23 5.52
N ILE A 127 -4.23 -19.23 6.32
CA ILE A 127 -3.22 -18.31 6.84
C ILE A 127 -2.96 -18.70 8.28
N VAL A 128 -1.70 -19.00 8.60
CA VAL A 128 -1.37 -19.35 9.98
C VAL A 128 -0.52 -18.24 10.55
N VAL A 129 -0.84 -17.84 11.77
CA VAL A 129 -0.16 -16.71 12.40
C VAL A 129 0.70 -17.19 13.57
N HIS A 130 1.99 -16.88 13.52
CA HIS A 130 2.90 -17.20 14.61
C HIS A 130 2.71 -16.13 15.69
N TRP A 131 1.58 -16.22 16.37
CA TRP A 131 1.04 -15.14 17.19
C TRP A 131 1.93 -14.82 18.39
N THR A 132 2.22 -13.52 18.56
CA THR A 132 3.12 -12.95 19.57
C THR A 132 4.56 -13.46 19.44
N GLY A 133 4.86 -14.16 18.36
CA GLY A 133 6.23 -14.60 18.10
C GLY A 133 6.44 -16.10 18.26
N TYR A 134 5.40 -16.82 18.64
CA TYR A 134 5.52 -18.26 18.92
C TYR A 134 5.13 -19.09 17.72
N PRO A 135 6.04 -19.94 17.23
CA PRO A 135 5.68 -20.65 15.98
C PRO A 135 4.63 -21.74 16.11
N VAL A 136 3.79 -21.80 15.08
CA VAL A 136 2.88 -22.90 14.82
C VAL A 136 3.63 -24.21 14.57
N ASP A 137 3.00 -25.33 14.90
CA ASP A 137 3.54 -26.65 14.61
C ASP A 137 3.47 -26.94 13.10
N LEU A 138 4.48 -26.49 12.36
CA LEU A 138 4.43 -26.51 10.90
C LEU A 138 4.48 -27.93 10.33
N ASP A 139 5.17 -28.87 11.00
CA ASP A 139 5.21 -30.25 10.50
C ASP A 139 3.83 -30.89 10.61
N ARG A 140 3.13 -30.62 11.71
CA ARG A 140 1.78 -31.16 11.88
C ARG A 140 0.85 -30.60 10.82
N LEU A 141 0.98 -29.29 10.58
CA LEU A 141 0.22 -28.61 9.55
C LEU A 141 0.46 -29.28 8.18
N ALA A 142 1.72 -29.56 7.85
CA ALA A 142 2.03 -30.21 6.58
C ALA A 142 1.37 -31.59 6.46
N GLY A 143 1.30 -32.34 7.56
CA GLY A 143 0.63 -33.63 7.55
C GLY A 143 -0.87 -33.51 7.31
N ILE A 144 -1.48 -32.49 7.91
CA ILE A 144 -2.89 -32.19 7.70
C ILE A 144 -3.15 -31.94 6.22
N LEU A 145 -2.27 -31.18 5.60
CA LEU A 145 -2.39 -30.87 4.17
C LEU A 145 -2.13 -32.09 3.30
N ASP A 146 -1.22 -32.96 3.72
CA ASP A 146 -1.02 -34.23 3.01
C ASP A 146 -2.33 -35.00 2.92
N ARG A 147 -3.03 -35.10 4.04
CA ARG A 147 -4.29 -35.84 4.09
C ARG A 147 -5.38 -35.11 3.31
N ALA A 148 -5.38 -33.78 3.34
CA ALA A 148 -6.37 -33.01 2.60
C ALA A 148 -6.17 -33.21 1.10
N GLU A 149 -4.91 -33.23 0.66
CA GLU A 149 -4.60 -33.42 -0.75
C GLU A 149 -5.06 -34.80 -1.24
N ARG A 150 -4.86 -35.83 -0.42
N ARG A 150 -4.86 -35.81 -0.39
CA ARG A 150 -5.27 -37.17 -0.84
CA ARG A 150 -5.32 -37.16 -0.69
C ARG A 150 -6.80 -37.29 -0.93
C ARG A 150 -6.84 -37.17 -0.90
N GLU A 151 -7.50 -36.49 -0.14
N GLU A 151 -7.55 -36.42 -0.06
CA GLU A 151 -8.96 -36.52 -0.15
CA GLU A 151 -9.00 -36.44 -0.05
C GLU A 151 -9.56 -35.68 -1.28
C GLU A 151 -9.60 -35.64 -1.20
N HIS A 152 -9.03 -34.47 -1.47
CA HIS A 152 -9.62 -33.51 -2.41
C HIS A 152 -8.91 -33.39 -3.75
N GLY A 153 -7.68 -33.87 -3.80
CA GLY A 153 -6.84 -33.74 -4.98
C GLY A 153 -6.07 -32.42 -5.06
N PHE A 154 -6.64 -31.36 -4.51
CA PHE A 154 -5.90 -30.11 -4.43
C PHE A 154 -5.32 -30.00 -3.04
N ARG A 155 -4.23 -29.24 -2.94
CA ARG A 155 -3.56 -29.02 -1.67
C ARG A 155 -3.67 -27.55 -1.36
N PRO A 156 -4.46 -27.17 -0.35
CA PRO A 156 -4.57 -25.75 -0.02
C PRO A 156 -3.21 -25.15 0.35
N ALA A 157 -2.95 -23.95 -0.16
CA ALA A 157 -1.72 -23.26 0.17
C ALA A 157 -1.75 -22.74 1.59
N VAL A 158 -0.58 -22.72 2.21
CA VAL A 158 -0.41 -22.08 3.51
C VAL A 158 0.40 -20.80 3.33
N ILE A 159 -0.10 -19.72 3.92
CA ILE A 159 0.67 -18.49 4.04
C ILE A 159 0.93 -18.26 5.52
N GLU A 160 2.21 -18.12 5.89
CA GLU A 160 2.59 -17.88 7.27
C GLU A 160 2.73 -16.39 7.56
N ASP A 161 1.93 -15.90 8.49
CA ASP A 161 2.03 -14.50 8.93
C ASP A 161 3.07 -14.47 10.04
N CYS A 162 4.24 -13.94 9.71
CA CYS A 162 5.39 -13.92 10.60
C CYS A 162 5.65 -12.53 11.15
N ALA A 163 4.64 -11.66 11.15
CA ALA A 163 4.82 -10.29 11.60
C ALA A 163 5.44 -10.15 13.00
N HIS A 164 5.09 -11.08 13.90
CA HIS A 164 5.57 -11.02 15.29
C HIS A 164 6.82 -11.87 15.50
N ALA A 165 7.31 -12.48 14.43
CA ALA A 165 8.23 -13.59 14.58
C ALA A 165 9.53 -13.44 13.80
N TRP A 166 9.98 -12.20 13.59
CA TRP A 166 11.31 -12.04 13.04
C TRP A 166 12.34 -12.78 13.92
N GLY A 167 13.21 -13.55 13.28
CA GLY A 167 14.25 -14.27 13.97
C GLY A 167 13.82 -15.59 14.61
N ALA A 168 12.56 -15.96 14.45
CA ALA A 168 12.06 -17.20 15.06
C ALA A 168 12.47 -18.40 14.23
N SER A 169 12.48 -19.57 14.87
CA SER A 169 12.79 -20.82 14.17
C SER A 169 11.91 -21.94 14.71
N TYR A 170 11.82 -23.01 13.94
CA TYR A 170 11.01 -24.16 14.31
C TYR A 170 11.74 -25.41 13.87
N ARG A 171 11.99 -26.27 14.84
CA ARG A 171 12.70 -27.53 14.64
C ARG A 171 14.00 -27.34 13.88
N GLY A 172 14.73 -26.30 14.27
CA GLY A 172 16.10 -26.11 13.81
C GLY A 172 16.19 -25.42 12.47
N VAL A 173 15.05 -24.93 11.98
CA VAL A 173 14.95 -24.31 10.67
C VAL A 173 14.33 -22.93 10.84
N PRO A 174 14.98 -21.89 10.31
CA PRO A 174 14.41 -20.54 10.42
C PRO A 174 13.06 -20.42 9.74
N LEU A 175 12.14 -19.67 10.33
CA LEU A 175 10.93 -19.34 9.58
C LEU A 175 11.30 -18.74 8.23
N GLY A 176 10.53 -19.10 7.21
CA GLY A 176 10.86 -18.76 5.84
C GLY A 176 11.37 -19.97 5.04
N SER A 177 11.70 -21.06 5.72
CA SER A 177 12.31 -22.20 5.05
C SER A 177 11.58 -23.51 5.28
N HIS A 178 10.27 -23.44 5.51
CA HIS A 178 9.50 -24.66 5.77
C HIS A 178 8.57 -25.02 4.60
N GLY A 179 8.77 -24.39 3.44
CA GLY A 179 8.03 -24.78 2.26
C GLY A 179 6.76 -23.97 1.98
N ASN A 180 6.46 -23.01 2.85
CA ASN A 180 5.31 -22.12 2.67
C ASN A 180 5.77 -20.70 2.38
N CYS A 182 5.94 -17.00 3.32
CA CYS A 182 5.99 -16.33 4.62
C CYS A 182 5.97 -14.84 4.43
N VAL A 183 5.30 -14.14 5.33
CA VAL A 183 5.32 -12.67 5.29
C VAL A 183 5.82 -12.11 6.61
N PHE A 184 6.93 -11.40 6.55
CA PHE A 184 7.46 -10.68 7.69
C PHE A 184 7.05 -9.22 7.66
N SER A 185 6.94 -8.59 8.82
CA SER A 185 6.61 -7.17 8.93
C SER A 185 7.77 -6.38 9.51
N PHE A 186 8.04 -5.23 8.89
CA PHE A 186 9.03 -4.30 9.41
C PHE A 186 8.37 -2.98 9.79
N GLN A 187 7.12 -3.07 10.22
CA GLN A 187 6.41 -1.90 10.77
C GLN A 187 7.15 -1.37 12.00
N ALA A 188 6.91 -0.10 12.33
CA ALA A 188 7.66 0.62 13.36
C ALA A 188 7.82 -0.10 14.69
N LEU A 189 6.81 -0.84 15.12
CA LEU A 189 6.85 -1.47 16.44
C LEU A 189 7.38 -2.91 16.41
N HIS A 191 10.11 -6.10 15.52
CA HIS A 191 11.52 -6.27 15.93
C HIS A 191 12.51 -5.55 15.02
N LEU A 192 12.39 -5.79 13.72
CA LEU A 192 13.20 -5.13 12.73
C LEU A 192 12.32 -4.13 12.01
N THR A 193 12.65 -2.84 12.08
CA THR A 193 11.78 -1.90 11.37
C THR A 193 12.46 -1.12 10.24
N CYS A 194 11.66 -0.85 9.22
CA CYS A 194 12.02 0.02 8.11
C CYS A 194 11.22 1.31 8.17
N GLY A 195 10.55 1.53 9.30
CA GLY A 195 9.51 2.53 9.40
C GLY A 195 8.22 1.83 9.02
N ASP A 196 8.12 1.53 7.73
CA ASP A 196 7.16 0.54 7.24
C ASP A 196 7.88 -0.31 6.22
N GLY A 197 7.50 -1.58 6.15
CA GLY A 197 8.10 -2.49 5.20
C GLY A 197 7.69 -3.90 5.53
N GLY A 198 8.02 -4.81 4.63
CA GLY A 198 7.80 -6.22 4.89
C GLY A 198 8.62 -7.05 3.95
N LEU A 199 8.50 -8.37 4.11
CA LEU A 199 9.24 -9.29 3.28
C LEU A 199 8.38 -10.50 2.99
N LEU A 200 8.19 -10.79 1.71
CA LEU A 200 7.53 -12.02 1.29
C LEU A 200 8.59 -13.02 0.88
N THR A 201 8.61 -14.18 1.51
CA THR A 201 9.56 -15.22 1.10
C THR A 201 8.79 -16.32 0.38
N LEU A 202 9.43 -16.90 -0.64
CA LEU A 202 8.80 -17.90 -1.48
C LEU A 202 9.53 -19.22 -1.40
N PRO A 203 8.79 -20.33 -1.51
CA PRO A 203 9.39 -21.67 -1.47
C PRO A 203 9.90 -22.17 -2.82
N GLY A 204 9.60 -21.46 -3.89
CA GLY A 204 10.03 -21.89 -5.22
C GLY A 204 10.26 -20.73 -6.17
N ASP A 205 10.98 -21.03 -7.25
CA ASP A 205 11.41 -20.02 -8.22
C ASP A 205 10.27 -19.36 -8.99
N GLU A 206 9.27 -20.14 -9.39
N GLU A 206 9.26 -20.14 -9.38
CA GLU A 206 8.17 -19.56 -10.17
CA GLU A 206 8.17 -19.58 -10.17
C GLU A 206 7.45 -18.50 -9.35
C GLU A 206 7.37 -18.54 -9.38
N LEU A 207 7.10 -18.82 -8.11
CA LEU A 207 6.43 -17.86 -7.24
C LEU A 207 7.31 -16.64 -7.04
N HIS A 208 8.62 -16.87 -6.89
CA HIS A 208 9.55 -15.76 -6.70
C HIS A 208 9.50 -14.80 -7.88
N GLU A 209 9.57 -15.33 -9.09
N GLU A 209 9.56 -15.36 -9.09
CA GLU A 209 9.59 -14.48 -10.27
CA GLU A 209 9.56 -14.55 -10.30
C GLU A 209 8.27 -13.71 -10.43
C GLU A 209 8.28 -13.75 -10.46
N ARG A 210 7.14 -14.39 -10.17
CA ARG A 210 5.84 -13.71 -10.26
C ARG A 210 5.70 -12.63 -9.19
N ALA A 211 6.22 -12.90 -7.99
CA ALA A 211 6.15 -11.93 -6.90
C ALA A 211 6.95 -10.67 -7.21
N LEU A 213 7.55 -9.40 -10.10
CA LEU A 213 6.82 -8.62 -11.09
C LEU A 213 5.58 -7.96 -10.48
N ARG A 214 4.75 -8.75 -9.80
CA ARG A 214 3.45 -8.25 -9.36
C ARG A 214 3.54 -7.27 -8.20
N ARG A 215 4.68 -7.21 -7.51
CA ARG A 215 4.80 -6.23 -6.44
C ARG A 215 4.89 -4.80 -6.97
N PHE A 216 5.17 -4.64 -8.27
CA PHE A 216 5.19 -3.32 -8.90
C PHE A 216 4.39 -3.38 -10.20
N TYR A 217 3.08 -3.54 -10.04
CA TYR A 217 2.10 -3.44 -11.13
C TYR A 217 2.26 -4.50 -12.21
N GLY A 218 3.10 -5.51 -12.00
CA GLY A 218 3.38 -6.45 -13.08
C GLY A 218 4.34 -5.90 -14.12
N ILE A 219 4.98 -4.77 -13.80
CA ILE A 219 5.91 -4.11 -14.72
C ILE A 219 7.34 -4.55 -14.44
N ASP A 220 7.98 -5.12 -15.46
CA ASP A 220 9.41 -5.45 -15.42
C ASP A 220 10.20 -4.14 -15.39
N ARG A 221 10.83 -3.86 -14.26
CA ARG A 221 11.49 -2.58 -14.07
C ARG A 221 12.78 -2.44 -14.88
N THR A 222 13.25 -3.53 -15.46
CA THR A 222 14.40 -3.46 -16.35
C THR A 222 14.02 -3.09 -17.79
N ALA A 223 12.73 -3.10 -18.10
CA ALA A 223 12.27 -2.84 -19.46
C ALA A 223 12.32 -1.36 -19.85
N ASP A 224 12.25 -1.11 -21.16
CA ASP A 224 12.29 0.25 -21.70
C ASP A 224 10.89 0.85 -21.67
N ARG A 225 10.52 1.45 -20.54
N ARG A 225 10.53 1.44 -20.53
CA ARG A 225 9.16 1.96 -20.36
CA ARG A 225 9.17 1.96 -20.36
C ARG A 225 8.90 3.20 -21.22
C ARG A 225 8.92 3.17 -21.27
N LEU A 226 9.96 3.96 -21.50
CA LEU A 226 9.86 5.14 -22.36
C LEU A 226 9.37 4.80 -23.78
N ARG A 227 9.66 3.60 -24.24
CA ARG A 227 9.24 3.18 -25.56
C ARG A 227 8.05 2.20 -25.50
N GLY A 228 7.47 2.06 -24.31
CA GLY A 228 6.32 1.19 -24.14
C GLY A 228 6.66 -0.27 -24.36
N ALA A 229 7.94 -0.62 -24.23
CA ALA A 229 8.43 -1.95 -24.56
C ALA A 229 8.36 -2.90 -23.38
N TYR A 230 7.16 -3.11 -22.87
CA TYR A 230 6.95 -4.03 -21.78
C TYR A 230 5.52 -4.52 -21.80
N ASP A 231 5.29 -5.70 -21.22
CA ASP A 231 3.96 -6.28 -21.18
C ASP A 231 3.65 -6.72 -19.78
N VAL A 232 2.47 -6.33 -19.29
CA VAL A 232 2.01 -6.80 -17.99
C VAL A 232 1.21 -8.07 -18.18
N ALA A 233 1.80 -9.20 -17.79
CA ALA A 233 1.16 -10.51 -17.92
C ALA A 233 0.10 -10.77 -16.83
N GLU A 234 0.38 -10.26 -15.64
CA GLU A 234 -0.52 -10.33 -14.50
C GLU A 234 -0.43 -9.00 -13.76
N TRP A 235 -1.56 -8.38 -13.48
CA TRP A 235 -1.54 -7.08 -12.82
C TRP A 235 -1.06 -7.17 -11.37
N GLY A 236 -0.61 -6.03 -10.85
CA GLY A 236 -0.29 -5.91 -9.43
C GLY A 236 -0.56 -4.48 -9.02
N LEU A 237 -0.32 -4.18 -7.75
CA LEU A 237 -0.46 -2.80 -7.28
C LEU A 237 0.90 -2.24 -6.88
N LYS A 238 0.92 -1.20 -6.06
CA LYS A 238 2.20 -0.64 -5.60
C LYS A 238 2.53 -1.30 -4.27
N TRP A 239 2.99 -2.54 -4.36
CA TRP A 239 3.23 -3.34 -3.18
C TRP A 239 4.69 -3.41 -2.79
N HIS A 240 5.55 -2.75 -3.55
CA HIS A 240 6.99 -2.84 -3.31
C HIS A 240 7.48 -1.92 -2.18
N THR A 242 10.64 0.82 -1.22
CA THR A 242 11.57 1.73 -1.87
C THR A 242 12.83 1.94 -1.02
N ASP A 243 13.81 2.65 -1.59
CA ASP A 243 15.12 2.75 -0.95
C ASP A 243 15.11 3.52 0.37
N LEU A 244 14.20 4.48 0.55
CA LEU A 244 14.12 5.20 1.82
C LEU A 244 13.91 4.23 2.98
N ASN A 245 12.97 3.32 2.81
CA ASN A 245 12.67 2.38 3.87
C ASN A 245 13.70 1.27 3.95
N ALA A 246 14.24 0.84 2.82
CA ALA A 246 15.30 -0.18 2.86
C ALA A 246 16.52 0.35 3.62
N ALA A 247 16.81 1.64 3.47
CA ALA A 247 17.95 2.25 4.16
C ALA A 247 17.78 2.17 5.68
N ILE A 248 16.56 2.42 6.14
CA ILE A 248 16.25 2.37 7.56
C ILE A 248 16.37 0.93 8.07
N GLY A 249 15.84 -0.02 7.31
CA GLY A 249 16.00 -1.43 7.66
C GLY A 249 17.45 -1.85 7.75
N LEU A 250 18.27 -1.41 6.79
CA LEU A 250 19.70 -1.73 6.82
C LEU A 250 20.37 -1.23 8.09
N ALA A 251 20.01 -0.02 8.50
CA ALA A 251 20.56 0.56 9.71
C ALA A 251 20.15 -0.23 10.95
N ASN A 252 18.94 -0.76 10.92
CA ASN A 252 18.41 -1.44 12.10
C ASN A 252 18.83 -2.91 12.19
N LEU A 253 19.42 -3.44 11.12
CA LEU A 253 19.88 -4.82 11.13
C LEU A 253 21.01 -5.01 12.11
N GLU A 254 21.80 -3.97 12.34
CA GLU A 254 22.99 -4.08 13.17
C GLU A 254 22.70 -4.58 14.58
N THR A 255 21.60 -4.16 15.17
CA THR A 255 21.36 -4.48 16.57
C THR A 255 20.13 -5.34 16.81
N VAL A 256 19.46 -5.78 15.76
CA VAL A 256 18.22 -6.51 15.95
C VAL A 256 18.48 -7.84 16.69
N ASP A 257 19.63 -8.46 16.45
CA ASP A 257 19.95 -9.72 17.11
C ASP A 257 20.08 -9.57 18.63
N GLU A 258 20.73 -8.50 19.07
CA GLU A 258 20.86 -8.24 20.50
C GLU A 258 19.50 -7.91 21.10
N GLN A 259 18.68 -7.18 20.37
CA GLN A 259 17.36 -6.88 20.89
C GLN A 259 16.53 -8.16 21.05
N LEU A 260 16.63 -9.06 20.08
N LEU A 260 16.62 -9.06 20.07
CA LEU A 260 15.95 -10.34 20.15
CA LEU A 260 15.95 -10.36 20.15
C LEU A 260 16.43 -11.16 21.35
C LEU A 260 16.42 -11.16 21.35
N ARG A 261 17.72 -11.12 21.60
CA ARG A 261 18.30 -11.82 22.74
C ARG A 261 17.67 -11.29 24.04
N LEU A 262 17.45 -9.98 24.12
CA LEU A 262 16.86 -9.40 25.31
C LEU A 262 15.37 -9.77 25.46
N HIS A 263 14.62 -9.74 24.35
CA HIS A 263 13.23 -10.23 24.39
C HIS A 263 13.19 -11.64 25.01
N ARG A 264 14.07 -12.50 24.52
CA ARG A 264 14.09 -13.88 24.96
C ARG A 264 14.56 -14.03 26.41
N GLU A 265 15.55 -13.25 26.80
CA GLU A 265 16.04 -13.25 28.18
C GLU A 265 14.96 -12.78 29.15
N ASN A 266 14.21 -11.75 28.77
CA ASN A 266 13.14 -11.25 29.63
C ASN A 266 12.00 -12.27 29.77
N ALA A 267 11.67 -12.92 28.67
CA ALA A 267 10.65 -13.98 28.68
C ALA A 267 11.08 -15.13 29.60
N ALA A 268 12.35 -15.50 29.52
CA ALA A 268 12.86 -16.56 30.39
C ALA A 268 12.77 -16.14 31.85
N PHE A 269 13.03 -14.86 32.12
CA PHE A 269 12.93 -14.32 33.46
C PHE A 269 11.50 -14.44 33.98
N TYR A 270 10.53 -14.02 33.18
CA TYR A 270 9.12 -14.18 33.54
C TYR A 270 8.75 -15.65 33.77
N ASP A 271 9.20 -16.53 32.87
CA ASP A 271 8.97 -17.97 33.03
C ASP A 271 9.39 -18.45 34.41
N LYS A 272 10.52 -17.94 34.87
CA LYS A 272 11.13 -18.39 36.13
C LYS A 272 10.47 -17.76 37.35
N GLU A 273 10.05 -16.51 37.21
CA GLU A 273 9.67 -15.70 38.37
C GLU A 273 8.16 -15.53 38.56
N LEU A 274 7.38 -15.97 37.59
CA LEU A 274 5.92 -15.84 37.64
C LEU A 274 5.20 -17.17 37.88
N THR A 275 5.92 -18.19 38.36
CA THR A 275 5.28 -19.45 38.72
C THR A 275 4.57 -19.39 40.08
N GLY A 276 3.50 -20.17 40.24
CA GLY A 276 2.89 -20.26 41.55
C GLY A 276 2.13 -19.02 41.98
N VAL A 277 1.77 -18.17 41.02
CA VAL A 277 1.01 -16.96 41.33
C VAL A 277 -0.48 -17.26 41.30
N PRO A 278 -1.17 -17.03 42.43
CA PRO A 278 -2.61 -17.28 42.43
C PRO A 278 -3.33 -16.46 41.38
N GLY A 279 -4.17 -17.11 40.58
CA GLY A 279 -4.93 -16.41 39.57
C GLY A 279 -4.18 -16.11 38.29
N LEU A 280 -2.95 -16.60 38.16
CA LEU A 280 -2.17 -16.39 36.93
C LEU A 280 -1.69 -17.72 36.35
N GLU A 281 -1.95 -17.92 35.07
CA GLU A 281 -1.55 -19.13 34.37
C GLU A 281 -0.58 -18.78 33.24
N LEU A 282 0.57 -19.43 33.22
CA LEU A 282 1.55 -19.23 32.15
C LEU A 282 1.23 -20.09 30.94
N LEU A 283 1.72 -19.69 29.77
N LEU A 283 1.76 -19.70 29.78
CA LEU A 283 1.63 -20.52 28.57
CA LEU A 283 1.64 -20.52 28.58
C LEU A 283 2.85 -21.44 28.52
C LEU A 283 2.85 -21.43 28.45
N GLN A 284 2.61 -22.73 28.30
CA GLN A 284 3.71 -23.69 28.20
C GLN A 284 4.20 -23.79 26.76
N ARG A 285 5.45 -23.43 26.53
CA ARG A 285 6.03 -23.40 25.18
C ARG A 285 6.89 -24.63 24.94
N SER A 286 6.86 -25.13 23.71
CA SER A 286 7.59 -26.35 23.36
C SER A 286 9.08 -26.09 23.12
N PRO A 287 9.95 -27.01 23.56
CA PRO A 287 11.39 -26.81 23.41
C PRO A 287 11.92 -27.10 22.00
N ASP A 288 11.04 -27.45 21.06
CA ASP A 288 11.48 -27.78 19.71
C ASP A 288 11.47 -26.58 18.77
N ARG A 289 11.29 -25.38 19.32
CA ARG A 289 11.22 -24.17 18.52
C ARG A 289 11.67 -22.98 19.34
N GLU A 290 11.95 -21.88 18.66
CA GLU A 290 12.41 -20.68 19.35
C GLU A 290 11.58 -19.49 18.89
N GLY A 291 10.77 -18.95 19.81
CA GLY A 291 9.92 -17.82 19.50
C GLY A 291 10.62 -16.49 19.68
N SER A 292 9.93 -15.41 19.32
CA SER A 292 10.55 -14.10 19.35
C SER A 292 9.94 -13.15 20.37
N PHE A 293 8.88 -13.58 21.04
CA PHE A 293 8.31 -12.83 22.17
C PHE A 293 8.09 -11.33 21.89
N TYR A 294 7.30 -11.07 20.86
CA TYR A 294 6.86 -9.71 20.58
C TYR A 294 6.24 -9.11 21.84
N VAL A 295 5.42 -9.90 22.52
CA VAL A 295 4.90 -9.57 23.85
C VAL A 295 4.93 -10.88 24.66
N TYR A 296 4.66 -10.80 25.95
CA TYR A 296 4.64 -11.98 26.81
C TYR A 296 3.22 -12.20 27.33
N ASP A 297 2.58 -13.28 26.90
CA ASP A 297 1.19 -13.55 27.27
C ASP A 297 1.05 -14.36 28.54
N VAL A 298 0.05 -14.00 29.35
CA VAL A 298 -0.40 -14.83 30.47
C VAL A 298 -1.92 -14.85 30.49
N LYS A 299 -2.50 -15.70 31.32
CA LYS A 299 -3.95 -15.73 31.49
C LYS A 299 -4.27 -15.50 32.96
N VAL A 300 -5.17 -14.56 33.25
CA VAL A 300 -5.47 -14.23 34.65
C VAL A 300 -6.95 -14.28 35.02
N ASP A 301 -7.21 -14.63 36.27
CA ASP A 301 -8.52 -14.48 36.90
C ASP A 301 -8.72 -13.03 37.31
N ASP A 302 -9.98 -12.59 37.34
N ASP A 302 -9.97 -12.59 37.32
CA ASP A 302 -10.34 -11.20 37.69
CA ASP A 302 -10.33 -11.22 37.70
C ASP A 302 -9.47 -10.21 36.93
C ASP A 302 -9.49 -10.20 36.93
N ARG A 303 -9.48 -10.33 35.61
CA ARG A 303 -8.66 -9.46 34.78
C ARG A 303 -8.98 -7.96 34.89
N PRO A 304 -10.25 -7.57 35.12
CA PRO A 304 -10.42 -6.12 35.30
C PRO A 304 -9.61 -5.57 36.48
N ALA A 305 -9.56 -6.30 37.58
CA ALA A 305 -8.75 -5.88 38.73
C ALA A 305 -7.25 -5.96 38.38
N PHE A 306 -6.86 -6.96 37.60
CA PHE A 306 -5.48 -7.08 37.15
C PHE A 306 -5.05 -5.87 36.30
N HIS A 307 -5.92 -5.47 35.37
CA HIS A 307 -5.66 -4.29 34.56
C HIS A 307 -5.48 -3.04 35.43
N ARG A 308 -6.36 -2.84 36.40
CA ARG A 308 -6.28 -1.69 37.29
C ARG A 308 -4.97 -1.70 38.08
N LYS A 309 -4.52 -2.89 38.47
CA LYS A 309 -3.25 -3.05 39.16
C LYS A 309 -2.07 -2.63 38.28
N GLU A 311 -2.10 -0.71 35.57
CA GLU A 311 -2.22 0.73 35.29
C GLU A 311 -1.68 1.57 36.45
N ALA A 312 -2.04 1.20 37.68
CA ALA A 312 -1.61 1.95 38.86
C ALA A 312 -0.10 1.84 39.07
N ALA A 313 0.49 0.76 38.56
CA ALA A 313 1.93 0.52 38.68
C ALA A 313 2.70 1.05 37.47
N GLY A 314 2.01 1.70 36.55
CA GLY A 314 2.66 2.24 35.37
C GLY A 314 3.18 1.14 34.44
N ILE A 315 2.42 0.07 34.33
CA ILE A 315 2.75 -1.02 33.41
C ILE A 315 1.67 -1.14 32.35
N ALA A 317 -0.40 -3.05 29.84
CA ALA A 317 -0.75 -4.45 29.68
C ALA A 317 -2.15 -4.58 29.09
N GLY A 318 -2.31 -5.48 28.12
CA GLY A 318 -3.62 -5.68 27.54
C GLY A 318 -3.60 -6.51 26.28
N LEU A 319 -4.49 -6.16 25.35
CA LEU A 319 -4.62 -6.89 24.11
C LEU A 319 -3.82 -6.23 22.99
N VAL A 320 -3.29 -7.05 22.09
CA VAL A 320 -2.69 -6.56 20.87
C VAL A 320 -3.80 -6.05 19.93
N SER A 321 -4.89 -6.83 19.86
N SER A 321 -4.91 -6.79 19.91
CA SER A 321 -6.06 -6.48 19.07
CA SER A 321 -6.05 -6.46 19.07
C SER A 321 -7.32 -7.06 19.69
C SER A 321 -7.31 -7.13 19.58
N ARG A 322 -8.47 -6.53 19.29
CA ARG A 322 -9.74 -7.18 19.57
C ARG A 322 -9.84 -8.45 18.71
N ARG A 323 -10.39 -9.54 19.25
CA ARG A 323 -10.62 -10.71 18.41
C ARG A 323 -11.44 -10.30 17.17
N ASN A 324 -10.94 -10.65 15.98
CA ASN A 324 -11.44 -10.01 14.76
C ASN A 324 -12.86 -10.43 14.40
N ASP A 325 -13.28 -11.59 14.92
CA ASP A 325 -14.60 -12.13 14.59
C ASP A 325 -15.72 -11.34 15.29
N GLU A 326 -15.37 -10.45 16.21
CA GLU A 326 -16.37 -9.61 16.89
C GLU A 326 -16.69 -8.31 16.14
N HIS A 327 -15.90 -7.96 15.13
CA HIS A 327 -16.13 -6.72 14.39
C HIS A 327 -17.40 -6.78 13.57
N SER A 328 -18.13 -5.68 13.52
CA SER A 328 -19.44 -5.71 12.88
C SER A 328 -19.30 -5.93 11.37
N CYS A 329 -18.15 -5.58 10.78
CA CYS A 329 -17.96 -5.83 9.34
C CYS A 329 -17.95 -7.31 8.98
N VAL A 330 -17.78 -8.19 9.97
CA VAL A 330 -17.81 -9.63 9.68
C VAL A 330 -18.87 -10.33 10.52
N ALA A 331 -19.92 -9.60 10.88
CA ALA A 331 -21.00 -10.20 11.67
C ALA A 331 -21.60 -11.42 10.97
N HIS A 332 -21.59 -11.42 9.64
CA HIS A 332 -22.19 -12.52 8.87
C HIS A 332 -21.35 -13.79 8.89
N LEU A 333 -20.15 -13.72 9.45
CA LEU A 333 -19.22 -14.85 9.45
C LEU A 333 -19.04 -15.49 10.83
N ARG A 334 -19.84 -15.06 11.80
N ARG A 334 -19.86 -15.07 11.80
CA ARG A 334 -19.65 -15.53 13.17
CA ARG A 334 -19.72 -15.51 13.19
C ARG A 334 -19.86 -17.02 13.29
C ARG A 334 -19.92 -17.00 13.38
N THR A 335 -19.00 -17.65 14.10
CA THR A 335 -19.11 -19.07 14.37
C THR A 335 -18.75 -19.32 15.82
N SER A 336 -19.05 -20.51 16.32
CA SER A 336 -18.75 -20.82 17.71
C SER A 336 -17.30 -21.23 17.88
N LEU A 337 -16.55 -20.49 18.70
CA LEU A 337 -15.15 -20.78 18.94
C LEU A 337 -14.92 -20.94 20.45
N PRO A 338 -15.28 -22.10 20.98
CA PRO A 338 -15.27 -22.30 22.44
C PRO A 338 -13.85 -22.26 23.03
N GLY A 339 -12.85 -22.66 22.25
CA GLY A 339 -11.47 -22.58 22.72
C GLY A 339 -11.08 -21.15 22.99
N LEU A 340 -11.29 -20.29 22.00
CA LEU A 340 -11.00 -18.87 22.16
C LEU A 340 -11.86 -18.26 23.27
N ASP A 341 -13.14 -18.62 23.32
CA ASP A 341 -14.03 -18.14 24.37
C ASP A 341 -13.47 -18.44 25.77
N SER A 342 -12.81 -19.59 25.92
CA SER A 342 -12.36 -20.02 27.24
C SER A 342 -11.14 -19.25 27.73
N VAL A 343 -10.49 -18.49 26.85
CA VAL A 343 -9.32 -17.72 27.25
C VAL A 343 -9.40 -16.22 26.97
N TYR A 344 -10.36 -15.79 26.15
CA TYR A 344 -10.35 -14.42 25.67
C TYR A 344 -10.58 -13.37 26.78
N ASP A 345 -11.30 -13.76 27.82
CA ASP A 345 -11.55 -12.84 28.94
C ASP A 345 -10.47 -12.95 29.99
N ARG A 346 -9.49 -13.81 29.75
CA ARG A 346 -8.40 -14.02 30.70
C ARG A 346 -7.05 -13.53 30.18
N VAL A 348 -3.85 -11.62 28.79
N VAL A 348 -3.86 -11.64 28.87
CA VAL A 348 -3.25 -10.29 28.88
CA VAL A 348 -3.23 -10.31 28.84
C VAL A 348 -1.78 -10.35 28.45
C VAL A 348 -1.84 -10.46 28.23
N SER A 349 -1.37 -9.38 27.62
CA SER A 349 0.00 -9.30 27.10
C SER A 349 0.81 -8.36 27.98
N LEU A 350 2.02 -8.79 28.34
CA LEU A 350 2.91 -8.01 29.19
C LEU A 350 4.14 -7.52 28.43
N PRO A 351 4.68 -6.36 28.82
CA PRO A 351 5.91 -5.88 28.17
C PRO A 351 7.06 -6.84 28.37
N VAL A 352 7.81 -7.13 27.32
CA VAL A 352 8.90 -8.09 27.45
C VAL A 352 10.11 -7.69 26.60
N GLY A 353 10.01 -6.56 25.91
CA GLY A 353 11.03 -6.19 24.94
C GLY A 353 12.36 -5.65 25.45
N TRP A 354 13.23 -5.28 24.50
CA TRP A 354 14.60 -4.86 24.78
C TRP A 354 14.71 -3.61 25.64
N TRP A 355 13.64 -2.83 25.70
CA TRP A 355 13.64 -1.55 26.43
C TRP A 355 13.44 -1.73 27.92
N LEU A 356 13.15 -2.96 28.32
CA LEU A 356 13.01 -3.29 29.74
C LEU A 356 14.35 -3.35 30.47
N THR A 357 14.57 -2.44 31.43
CA THR A 357 15.74 -2.55 32.29
C THR A 357 15.53 -3.69 33.27
N GLU A 358 16.58 -4.10 33.96
CA GLU A 358 16.42 -5.12 34.99
C GLU A 358 15.43 -4.63 36.06
N GLN A 359 15.51 -3.35 36.39
CA GLN A 359 14.59 -2.76 37.37
C GLN A 359 13.14 -2.79 36.89
N ASP A 360 12.94 -2.52 35.59
CA ASP A 360 11.60 -2.57 35.00
C ASP A 360 10.97 -3.95 35.13
N ARG A 361 11.69 -5.01 34.74
CA ARG A 361 11.08 -6.34 34.74
C ARG A 361 10.90 -6.87 36.16
N GLU A 362 11.76 -6.46 37.07
CA GLU A 362 11.61 -6.81 38.48
C GLU A 362 10.36 -6.12 39.03
N HIS A 363 10.09 -4.91 38.55
CA HIS A 363 8.91 -4.17 38.95
C HIS A 363 7.62 -4.87 38.46
N VAL A 364 7.67 -5.37 37.22
CA VAL A 364 6.52 -6.10 36.66
C VAL A 364 6.23 -7.34 37.51
N VAL A 365 7.27 -8.12 37.79
CA VAL A 365 7.12 -9.34 38.58
C VAL A 365 6.65 -9.06 40.00
N ALA A 366 7.25 -8.06 40.65
CA ALA A 366 6.89 -7.73 42.02
C ALA A 366 5.45 -7.26 42.12
N THR A 367 5.02 -6.49 41.12
CA THR A 367 3.65 -5.99 41.09
C THR A 367 2.66 -7.14 40.95
N ILE A 368 2.89 -8.02 39.98
CA ILE A 368 2.02 -9.17 39.79
C ILE A 368 1.98 -10.08 41.02
N ARG A 369 3.14 -10.35 41.61
CA ARG A 369 3.19 -11.28 42.73
C ARG A 369 2.58 -10.72 44.01
N SER A 370 2.34 -9.41 44.04
CA SER A 370 1.72 -8.79 45.20
C SER A 370 0.19 -8.92 45.18
N GLY A 371 -0.35 -9.44 44.08
CA GLY A 371 -1.77 -9.73 43.98
C GLY A 371 -2.63 -8.57 43.48
N TRP A 372 -3.89 -8.86 43.18
CA TRP A 372 -4.80 -7.85 42.68
C TRP A 372 -6.24 -8.13 43.08
N ALA B 3 25.38 15.67 -21.03
CA ALA B 3 24.40 16.02 -20.01
C ALA B 3 22.97 15.75 -20.49
N ILE B 5 19.13 15.56 -20.55
CA ILE B 5 17.99 16.26 -19.98
C ILE B 5 16.86 15.26 -19.69
N PRO B 6 16.56 15.03 -18.41
CA PRO B 6 15.59 13.97 -18.11
C PRO B 6 14.14 14.43 -18.26
N LEU B 7 13.26 13.46 -18.51
CA LEU B 7 11.85 13.71 -18.66
C LEU B 7 11.19 13.93 -17.30
N PHE B 8 11.74 13.27 -16.28
CA PHE B 8 11.25 13.33 -14.91
C PHE B 8 12.44 13.55 -13.98
N LYS B 9 12.20 14.17 -12.83
CA LYS B 9 13.27 14.36 -11.85
C LYS B 9 12.68 14.54 -10.47
N VAL B 10 13.36 14.00 -9.46
CA VAL B 10 12.91 14.11 -8.09
C VAL B 10 13.22 15.50 -7.54
N ALA B 11 12.22 16.14 -6.94
CA ALA B 11 12.40 17.41 -6.25
C ALA B 11 12.35 17.18 -4.75
N VAL B 12 13.52 16.96 -4.15
CA VAL B 12 13.60 16.78 -2.70
C VAL B 12 14.45 17.89 -2.10
N SER B 13 13.83 18.63 -1.20
CA SER B 13 14.44 19.78 -0.57
C SER B 13 15.63 19.39 0.28
N PRO B 14 16.65 20.23 0.31
CA PRO B 14 17.74 20.00 1.26
C PRO B 14 17.29 20.21 2.72
N THR B 15 16.02 20.58 2.92
CA THR B 15 15.47 20.64 4.27
C THR B 15 14.78 19.34 4.70
N ALA B 16 14.63 18.40 3.77
CA ALA B 16 13.95 17.15 4.12
C ALA B 16 14.71 16.39 5.20
N LEU B 17 16.04 16.40 5.14
CA LEU B 17 16.82 15.66 6.13
C LEU B 17 16.55 16.17 7.55
N ASP B 18 16.44 17.48 7.69
CA ASP B 18 16.11 18.11 8.97
C ASP B 18 14.75 17.62 9.50
N ARG B 19 13.76 17.51 8.62
N ARG B 19 13.77 17.51 8.61
CA ARG B 19 12.43 17.07 9.04
CA ARG B 19 12.44 17.06 9.01
C ARG B 19 12.43 15.58 9.41
C ARG B 19 12.44 15.59 9.41
N VAL B 20 13.14 14.77 8.64
CA VAL B 20 13.25 13.33 8.96
C VAL B 20 13.97 13.15 10.28
N ALA B 21 15.01 13.97 10.54
CA ALA B 21 15.72 13.89 11.80
C ALA B 21 14.76 14.14 12.95
N GLU B 22 13.81 15.05 12.76
CA GLU B 22 12.82 15.36 13.80
C GLU B 22 11.93 14.16 14.07
N VAL B 23 11.52 13.46 13.02
CA VAL B 23 10.72 12.26 13.18
C VAL B 23 11.49 11.19 13.97
N PHE B 24 12.72 10.91 13.57
CA PHE B 24 13.52 9.90 14.27
C PHE B 24 13.75 10.29 15.73
N ALA B 25 14.04 11.57 15.97
CA ALA B 25 14.30 12.03 17.33
C ALA B 25 13.07 11.92 18.22
N SER B 26 11.88 12.06 17.62
CA SER B 26 10.64 11.98 18.37
C SER B 26 10.34 10.54 18.79
N GLY B 27 10.88 9.58 18.03
CA GLY B 27 10.64 8.18 18.29
C GLY B 27 9.27 7.74 17.83
N TYR B 28 8.53 8.63 17.19
CA TYR B 28 7.23 8.24 16.66
C TYR B 28 7.25 8.27 15.13
N LEU B 29 7.24 7.08 14.55
CA LEU B 29 7.40 6.95 13.10
C LEU B 29 6.06 6.70 12.43
N GLY B 30 5.05 6.42 13.23
CA GLY B 30 3.73 6.12 12.68
C GLY B 30 2.93 7.32 12.22
N GLN B 31 1.64 7.10 12.04
CA GLN B 31 0.74 8.17 11.63
C GLN B 31 0.38 9.07 12.82
N GLY B 32 0.92 10.28 12.84
CA GLY B 32 0.78 11.14 14.00
C GLY B 32 0.75 12.63 13.69
N PRO B 33 1.51 13.40 14.46
CA PRO B 33 1.43 14.86 14.35
C PRO B 33 1.93 15.43 13.01
N ARG B 34 2.90 14.77 12.37
CA ARG B 34 3.37 15.32 11.10
C ARG B 34 2.33 15.11 10.01
N VAL B 35 1.67 13.95 10.03
CA VAL B 35 0.56 13.71 9.10
C VAL B 35 -0.51 14.77 9.33
N ALA B 36 -0.85 15.05 10.59
CA ALA B 36 -1.85 16.08 10.86
C ALA B 36 -1.43 17.45 10.33
N GLU B 37 -0.16 17.80 10.55
CA GLU B 37 0.38 19.07 10.09
C GLU B 37 0.34 19.18 8.56
N PHE B 38 0.74 18.10 7.89
CA PHE B 38 0.76 18.05 6.44
C PHE B 38 -0.67 18.16 5.87
N GLU B 39 -1.60 17.41 6.45
CA GLU B 39 -3.00 17.48 6.02
C GLU B 39 -3.57 18.90 6.16
N SER B 40 -3.29 19.54 7.28
N SER B 40 -3.28 19.54 7.29
CA SER B 40 -3.76 20.91 7.50
CA SER B 40 -3.74 20.91 7.52
C SER B 40 -3.20 21.87 6.46
C SER B 40 -3.21 21.85 6.45
N ALA B 41 -1.93 21.72 6.13
CA ALA B 41 -1.28 22.57 5.15
C ALA B 41 -1.90 22.35 3.76
N LEU B 42 -2.15 21.09 3.42
CA LEU B 42 -2.74 20.77 2.13
C LEU B 42 -4.18 21.25 2.04
N ALA B 43 -4.94 21.08 3.13
CA ALA B 43 -6.33 21.55 3.17
C ALA B 43 -6.39 23.04 2.89
N ALA B 44 -5.46 23.80 3.47
CA ALA B 44 -5.47 25.25 3.30
C ALA B 44 -5.17 25.64 1.86
N ARG B 45 -4.21 24.94 1.25
CA ARG B 45 -3.85 25.20 -0.14
C ARG B 45 -4.98 24.84 -1.10
N LEU B 46 -5.67 23.75 -0.81
CA LEU B 46 -6.73 23.26 -1.67
C LEU B 46 -8.08 23.95 -1.49
N GLY B 47 -8.31 24.51 -0.31
CA GLY B 47 -9.61 25.09 0.01
C GLY B 47 -10.67 24.03 0.25
N ASN B 48 -10.22 22.80 0.49
CA ASN B 48 -11.09 21.69 0.83
C ASN B 48 -10.59 21.10 2.14
N PRO B 49 -11.40 21.19 3.22
CA PRO B 49 -10.95 20.68 4.52
C PRO B 49 -10.99 19.16 4.62
N ARG B 50 -11.67 18.53 3.67
N ARG B 50 -11.69 18.54 3.69
CA ARG B 50 -11.87 17.08 3.72
CA ARG B 50 -11.88 17.08 3.74
C ARG B 50 -10.79 16.36 2.94
C ARG B 50 -10.80 16.37 2.94
N VAL B 51 -9.59 16.32 3.50
CA VAL B 51 -8.48 15.68 2.83
C VAL B 51 -7.90 14.59 3.71
N VAL B 52 -7.54 13.48 3.07
CA VAL B 52 -7.09 12.30 3.78
C VAL B 52 -5.78 11.83 3.19
N SER B 53 -4.69 11.97 3.93
CA SER B 53 -3.41 11.46 3.42
C SER B 53 -3.40 9.93 3.34
N VAL B 54 -2.74 9.43 2.32
CA VAL B 54 -2.65 8.00 2.06
C VAL B 54 -1.24 7.61 1.64
N HIS B 55 -1.01 6.31 1.56
CA HIS B 55 0.29 5.73 1.26
C HIS B 55 0.85 6.14 -0.09
N SER B 56 -0.04 6.26 -1.06
CA SER B 56 0.34 6.49 -2.44
C SER B 56 -0.91 6.91 -3.19
N GLY B 57 -0.75 7.44 -4.39
CA GLY B 57 -1.89 7.69 -5.25
C GLY B 57 -2.63 6.40 -5.51
N THR B 58 -1.88 5.32 -5.70
CA THR B 58 -2.50 4.02 -5.96
C THR B 58 -3.40 3.61 -4.80
N SER B 59 -2.90 3.72 -3.55
CA SER B 59 -3.74 3.39 -2.41
C SER B 59 -4.93 4.33 -2.29
N GLY B 60 -4.76 5.60 -2.66
CA GLY B 60 -5.87 6.52 -2.68
C GLY B 60 -6.97 6.10 -3.64
N LEU B 61 -6.59 5.63 -4.82
CA LEU B 61 -7.56 5.13 -5.79
C LEU B 61 -8.28 3.87 -5.27
N CYS B 62 -7.51 2.98 -4.63
CA CYS B 62 -8.10 1.77 -4.08
C CYS B 62 -9.12 2.12 -3.00
N LEU B 63 -8.75 3.05 -2.13
CA LEU B 63 -9.65 3.49 -1.07
C LEU B 63 -10.88 4.18 -1.65
N ALA B 64 -10.70 5.04 -2.64
CA ALA B 64 -11.84 5.72 -3.26
C ALA B 64 -12.83 4.70 -3.83
N LEU B 65 -12.33 3.67 -4.50
CA LEU B 65 -13.22 2.64 -5.07
C LEU B 65 -13.93 1.84 -3.96
N ARG B 66 -13.21 1.60 -2.87
CA ARG B 66 -13.77 0.86 -1.75
C ARG B 66 -14.90 1.63 -1.06
N LEU B 67 -14.86 2.96 -1.15
CA LEU B 67 -15.87 3.81 -0.54
C LEU B 67 -17.19 3.84 -1.31
N LEU B 68 -17.20 3.27 -2.52
CA LEU B 68 -18.43 3.30 -3.31
C LEU B 68 -19.46 2.34 -2.75
N ASP B 69 -20.68 2.83 -2.67
CA ASP B 69 -21.81 2.01 -2.27
C ASP B 69 -22.70 1.83 -3.48
N ALA B 70 -22.58 0.66 -4.10
CA ALA B 70 -23.40 0.28 -5.23
C ALA B 70 -23.43 -1.23 -5.24
N PRO B 71 -24.54 -1.82 -5.70
CA PRO B 71 -24.64 -3.28 -5.71
C PRO B 71 -23.56 -3.90 -6.58
N GLU B 72 -23.18 -5.14 -6.27
N GLU B 72 -23.18 -5.14 -6.29
CA GLU B 72 -22.13 -5.83 -7.00
CA GLU B 72 -22.10 -5.80 -7.02
C GLU B 72 -22.48 -6.02 -8.47
C GLU B 72 -22.47 -6.02 -8.48
N GLU B 73 -23.77 -6.03 -8.77
CA GLU B 73 -24.22 -6.20 -10.15
C GLU B 73 -23.82 -5.02 -11.01
N ARG B 74 -23.54 -3.89 -10.37
N ARG B 74 -23.59 -3.87 -10.38
CA ARG B 74 -22.98 -2.74 -11.05
CA ARG B 74 -22.98 -2.72 -11.05
C ARG B 74 -21.47 -2.92 -11.05
C ARG B 74 -21.47 -2.93 -11.04
N ASP B 75 -20.98 -3.69 -12.01
CA ASP B 75 -19.61 -4.20 -11.96
C ASP B 75 -18.63 -3.49 -12.86
N GLU B 76 -19.10 -2.47 -13.57
CA GLU B 76 -18.31 -1.81 -14.60
C GLU B 76 -17.71 -0.49 -14.12
N VAL B 77 -16.41 -0.31 -14.36
CA VAL B 77 -15.78 1.00 -14.18
C VAL B 77 -15.27 1.47 -15.52
N LEU B 78 -15.66 2.69 -15.90
N LEU B 78 -15.65 2.69 -15.90
CA LEU B 78 -15.22 3.29 -17.16
CA LEU B 78 -15.21 3.27 -17.18
C LEU B 78 -13.91 4.03 -16.97
C LEU B 78 -13.92 4.04 -16.99
N SER B 79 -12.94 3.77 -17.85
CA SER B 79 -11.62 4.35 -17.72
C SER B 79 -10.94 4.33 -19.07
N THR B 80 -10.00 5.25 -19.28
N THR B 80 -10.00 5.26 -19.29
CA THR B 80 -9.22 5.25 -20.52
CA THR B 80 -9.19 5.25 -20.50
C THR B 80 -7.90 4.48 -20.32
C THR B 80 -7.91 4.43 -20.31
N PRO B 81 -7.36 3.88 -21.39
CA PRO B 81 -6.10 3.17 -21.25
C PRO B 81 -4.87 4.06 -21.37
N LEU B 82 -5.04 5.34 -21.72
CA LEU B 82 -3.91 6.26 -21.80
C LEU B 82 -3.71 6.86 -20.41
N THR B 83 -3.08 6.06 -19.55
N THR B 83 -3.11 6.03 -19.55
CA THR B 83 -2.75 6.49 -18.21
CA THR B 83 -2.92 6.30 -18.13
C THR B 83 -1.70 5.56 -17.65
C THR B 83 -1.66 5.58 -17.67
N PHE B 84 -1.22 5.88 -16.45
CA PHE B 84 -0.31 4.99 -15.78
C PHE B 84 -1.11 3.77 -15.30
N GLU B 85 -0.47 2.59 -15.28
CA GLU B 85 -1.17 1.35 -15.02
C GLU B 85 -1.93 1.34 -13.69
N ALA B 86 -1.43 2.07 -12.69
CA ALA B 86 -2.08 2.12 -11.39
C ALA B 86 -3.58 2.45 -11.48
N THR B 87 -3.93 3.38 -12.37
CA THR B 87 -5.31 3.81 -12.51
C THR B 87 -6.22 2.62 -12.76
N ASN B 88 -5.77 1.77 -13.67
CA ASN B 88 -6.60 0.68 -14.11
C ASN B 88 -6.40 -0.59 -13.30
N TRP B 89 -5.20 -0.81 -12.77
CA TRP B 89 -5.03 -2.01 -11.97
C TRP B 89 -5.78 -1.87 -10.65
N ALA B 90 -5.96 -0.64 -10.15
CA ALA B 90 -6.81 -0.45 -8.98
C ALA B 90 -8.22 -0.97 -9.21
N ILE B 91 -8.75 -0.78 -10.43
CA ILE B 91 -10.08 -1.28 -10.77
C ILE B 91 -10.11 -2.80 -10.70
N LEU B 92 -9.10 -3.46 -11.27
CA LEU B 92 -9.05 -4.91 -11.26
C LEU B 92 -8.91 -5.44 -9.83
N ALA B 93 -8.12 -4.76 -9.01
CA ALA B 93 -7.93 -5.18 -7.62
C ALA B 93 -9.22 -4.99 -6.81
N ASP B 94 -10.07 -4.06 -7.25
CA ASP B 94 -11.36 -3.82 -6.61
C ASP B 94 -12.38 -4.86 -7.05
N GLY B 95 -11.99 -5.75 -7.96
CA GLY B 95 -12.86 -6.83 -8.40
C GLY B 95 -13.87 -6.45 -9.46
N ARG B 96 -13.61 -5.34 -10.15
CA ARG B 96 -14.55 -4.84 -11.17
C ARG B 96 -14.05 -5.07 -12.57
N ARG B 97 -14.91 -4.83 -13.56
N ARG B 97 -14.94 -4.86 -13.53
CA ARG B 97 -14.46 -4.98 -14.94
CA ARG B 97 -14.54 -4.91 -14.93
C ARG B 97 -14.30 -3.62 -15.59
C ARG B 97 -14.11 -3.51 -15.35
N ILE B 98 -13.17 -3.45 -16.29
CA ILE B 98 -12.86 -2.21 -16.97
C ILE B 98 -13.58 -2.18 -18.31
N THR B 99 -14.27 -1.08 -18.58
CA THR B 99 -14.77 -0.81 -19.94
C THR B 99 -13.99 0.38 -20.45
N TRP B 100 -13.20 0.17 -21.50
CA TRP B 100 -12.33 1.24 -21.99
C TRP B 100 -13.11 2.34 -22.67
N VAL B 101 -12.71 3.58 -22.36
CA VAL B 101 -13.20 4.76 -23.03
C VAL B 101 -12.08 5.34 -23.88
N ASP B 102 -12.44 5.83 -25.06
CA ASP B 102 -11.45 6.35 -26.01
C ASP B 102 -10.84 7.65 -25.53
N VAL B 103 -9.83 8.10 -26.26
CA VAL B 103 -9.09 9.31 -25.99
C VAL B 103 -9.43 10.37 -27.05
N ASP B 104 -9.61 11.60 -26.62
CA ASP B 104 -9.78 12.74 -27.54
C ASP B 104 -8.40 13.10 -28.10
N PRO B 105 -8.22 12.97 -29.44
CA PRO B 105 -6.92 13.28 -30.04
C PRO B 105 -6.44 14.71 -29.78
N ALA B 106 -7.37 15.63 -29.56
CA ALA B 106 -7.01 17.04 -29.38
C ALA B 106 -6.48 17.36 -27.99
N THR B 107 -6.77 16.51 -27.02
CA THR B 107 -6.38 16.79 -25.64
C THR B 107 -5.56 15.68 -24.98
N LEU B 108 -5.62 14.48 -25.56
CA LEU B 108 -5.04 13.27 -24.98
C LEU B 108 -5.65 12.97 -23.61
N THR B 109 -6.87 13.43 -23.37
CA THR B 109 -7.61 13.00 -22.20
C THR B 109 -8.88 12.31 -22.68
N ASP B 111 -12.18 10.88 -24.04
CA ASP B 111 -13.18 11.36 -24.99
C ASP B 111 -14.55 11.33 -24.31
N LEU B 112 -15.09 12.50 -24.00
CA LEU B 112 -16.33 12.54 -23.23
C LEU B 112 -17.57 12.17 -24.06
N ASP B 113 -17.49 12.28 -25.39
CA ASP B 113 -18.57 11.77 -26.23
C ASP B 113 -18.64 10.27 -26.12
N ASP B 114 -17.47 9.64 -26.13
CA ASP B 114 -17.40 8.19 -26.03
C ASP B 114 -17.85 7.75 -24.63
N LEU B 115 -17.43 8.50 -23.61
CA LEU B 115 -17.90 8.23 -22.26
C LEU B 115 -19.42 8.20 -22.20
N GLU B 116 -20.08 9.22 -22.76
CA GLU B 116 -21.53 9.29 -22.65
C GLU B 116 -22.19 8.10 -23.34
N ARG B 117 -21.61 7.65 -24.47
CA ARG B 117 -22.13 6.49 -25.17
C ARG B 117 -21.96 5.18 -24.39
N LYS B 118 -20.98 5.13 -23.49
CA LYS B 118 -20.66 3.87 -22.83
C LYS B 118 -21.19 3.72 -21.41
N ILE B 119 -21.72 4.78 -20.83
CA ILE B 119 -22.38 4.65 -19.53
C ILE B 119 -23.58 3.73 -19.67
N SER B 120 -23.71 2.78 -18.76
CA SER B 120 -24.73 1.73 -18.85
C SER B 120 -25.29 1.47 -17.46
N PRO B 121 -26.35 0.66 -17.37
CA PRO B 121 -26.84 0.30 -16.03
C PRO B 121 -25.81 -0.44 -15.17
N ALA B 122 -24.75 -0.96 -15.78
CA ALA B 122 -23.72 -1.64 -15.02
C ALA B 122 -22.63 -0.71 -14.50
N THR B 123 -22.69 0.56 -14.89
CA THR B 123 -21.62 1.48 -14.52
C THR B 123 -21.63 1.86 -13.03
N ARG B 124 -20.61 1.46 -12.28
CA ARG B 124 -20.57 1.87 -10.87
C ARG B 124 -19.74 3.14 -10.71
N ALA B 125 -18.76 3.35 -11.58
CA ALA B 125 -17.88 4.50 -11.45
C ALA B 125 -17.18 4.84 -12.75
N ILE B 126 -16.65 6.06 -12.80
CA ILE B 126 -15.87 6.56 -13.92
C ILE B 126 -14.60 7.13 -13.32
N ILE B 127 -13.44 6.69 -13.77
CA ILE B 127 -12.20 7.31 -13.31
C ILE B 127 -11.72 8.22 -14.43
N VAL B 128 -11.56 9.51 -14.13
CA VAL B 128 -11.09 10.46 -15.14
C VAL B 128 -9.69 10.90 -14.74
N VAL B 129 -8.78 10.88 -15.70
CA VAL B 129 -7.38 11.19 -15.44
C VAL B 129 -7.03 12.53 -16.06
N HIS B 130 -6.55 13.45 -15.24
CA HIS B 130 -6.08 14.75 -15.74
C HIS B 130 -4.67 14.55 -16.29
N TRP B 131 -4.63 13.90 -17.44
CA TRP B 131 -3.40 13.30 -17.96
C TRP B 131 -2.34 14.33 -18.32
N THR B 132 -1.12 14.08 -17.82
CA THR B 132 0.06 14.97 -17.92
C THR B 132 -0.14 16.31 -17.25
N GLY B 133 -1.23 16.46 -16.51
CA GLY B 133 -1.48 17.68 -15.75
C GLY B 133 -2.57 18.57 -16.31
N TYR B 134 -3.18 18.17 -17.43
CA TYR B 134 -4.20 18.99 -18.08
C TYR B 134 -5.60 18.56 -17.63
N PRO B 135 -6.38 19.49 -17.07
CA PRO B 135 -7.66 19.05 -16.51
C PRO B 135 -8.71 18.67 -17.55
N VAL B 136 -9.45 17.62 -17.22
CA VAL B 136 -10.68 17.23 -17.90
C VAL B 136 -11.75 18.33 -17.79
N ASP B 137 -12.62 18.41 -18.78
CA ASP B 137 -13.75 19.35 -18.75
C ASP B 137 -14.78 18.89 -17.74
N LEU B 138 -14.59 19.27 -16.48
CA LEU B 138 -15.38 18.71 -15.39
C LEU B 138 -16.86 19.13 -15.42
N ASP B 139 -17.14 20.34 -15.92
CA ASP B 139 -18.54 20.77 -16.00
C ASP B 139 -19.28 19.96 -17.06
N ARG B 140 -18.61 19.67 -18.17
CA ARG B 140 -19.23 18.87 -19.21
C ARG B 140 -19.49 17.45 -18.69
N LEU B 141 -18.52 16.92 -17.97
CA LEU B 141 -18.67 15.62 -17.32
C LEU B 141 -19.90 15.61 -16.40
N ALA B 142 -20.05 16.66 -15.59
CA ALA B 142 -21.20 16.75 -14.70
C ALA B 142 -22.53 16.73 -15.47
N GLY B 143 -22.58 17.39 -16.62
CA GLY B 143 -23.77 17.40 -17.44
C GLY B 143 -24.09 16.03 -18.00
N ILE B 144 -23.05 15.31 -18.40
CA ILE B 144 -23.20 13.93 -18.87
C ILE B 144 -23.81 13.08 -17.79
N LEU B 145 -23.34 13.26 -16.56
CA LEU B 145 -23.86 12.49 -15.43
C LEU B 145 -25.29 12.90 -15.08
N ASP B 146 -25.62 14.18 -15.25
CA ASP B 146 -27.01 14.62 -15.07
C ASP B 146 -27.95 13.85 -15.99
N ARG B 147 -27.57 13.74 -17.26
CA ARG B 147 -28.40 13.04 -18.24
C ARG B 147 -28.42 11.54 -17.96
N ALA B 148 -27.30 10.98 -17.55
CA ALA B 148 -27.24 9.55 -17.25
C ALA B 148 -28.13 9.21 -16.07
N GLU B 149 -28.11 10.08 -15.06
CA GLU B 149 -28.93 9.88 -13.88
C GLU B 149 -30.41 9.93 -14.25
N ARG B 150 -30.78 10.83 -15.16
N ARG B 150 -30.78 10.86 -15.13
CA ARG B 150 -32.15 10.95 -15.60
CA ARG B 150 -32.14 10.95 -15.62
C ARG B 150 -32.58 9.75 -16.43
C ARG B 150 -32.53 9.65 -16.31
N GLU B 151 -31.64 9.13 -17.13
CA GLU B 151 -31.94 7.96 -17.95
C GLU B 151 -31.97 6.65 -17.16
N HIS B 152 -30.97 6.45 -16.31
CA HIS B 152 -30.77 5.16 -15.65
C HIS B 152 -31.26 5.15 -14.21
N GLY B 153 -31.55 6.31 -13.63
CA GLY B 153 -32.01 6.34 -12.26
C GLY B 153 -30.93 6.38 -11.19
N PHE B 154 -29.67 6.29 -11.58
CA PHE B 154 -28.59 6.46 -10.61
C PHE B 154 -27.49 7.30 -11.25
N ARG B 155 -26.65 7.86 -10.40
CA ARG B 155 -25.55 8.70 -10.87
C ARG B 155 -24.22 8.00 -10.56
N PRO B 156 -23.52 7.55 -11.62
CA PRO B 156 -22.22 6.91 -11.39
C PRO B 156 -21.25 7.84 -10.67
N ALA B 157 -20.47 7.31 -9.74
CA ALA B 157 -19.47 8.11 -9.06
C ALA B 157 -18.34 8.45 -10.00
N VAL B 158 -17.76 9.63 -9.84
CA VAL B 158 -16.54 9.99 -10.54
C VAL B 158 -15.39 10.06 -9.56
N ILE B 159 -14.26 9.44 -9.91
CA ILE B 159 -13.02 9.61 -9.19
C ILE B 159 -12.04 10.29 -10.12
N GLU B 160 -11.47 11.42 -9.70
CA GLU B 160 -10.48 12.13 -10.51
C GLU B 160 -9.08 11.70 -10.12
N ASP B 161 -8.34 11.14 -11.08
CA ASP B 161 -6.93 10.80 -10.87
C ASP B 161 -6.12 12.07 -11.16
N CYS B 162 -5.63 12.69 -10.09
CA CYS B 162 -4.91 13.96 -10.17
C CYS B 162 -3.40 13.78 -9.98
N ALA B 163 -2.88 12.57 -10.19
CA ALA B 163 -1.45 12.31 -9.95
C ALA B 163 -0.52 13.27 -10.67
N HIS B 164 -0.90 13.72 -11.87
CA HIS B 164 -0.05 14.62 -12.66
C HIS B 164 -0.38 16.07 -12.46
N ALA B 165 -1.35 16.36 -11.59
CA ALA B 165 -2.00 17.66 -11.62
C ALA B 165 -2.02 18.38 -10.27
N TRP B 166 -1.01 18.14 -9.43
CA TRP B 166 -0.89 18.98 -8.25
C TRP B 166 -0.86 20.46 -8.66
N GLY B 167 -1.66 21.29 -7.98
CA GLY B 167 -1.69 22.72 -8.24
C GLY B 167 -2.55 23.15 -9.42
N ALA B 168 -3.19 22.20 -10.10
CA ALA B 168 -4.01 22.55 -11.26
C ALA B 168 -5.35 23.10 -10.82
N SER B 169 -5.99 23.84 -11.74
CA SER B 169 -7.33 24.37 -11.47
C SER B 169 -8.17 24.32 -12.74
N TYR B 170 -9.48 24.43 -12.56
CA TYR B 170 -10.40 24.39 -13.69
C TYR B 170 -11.52 25.37 -13.41
N ARG B 171 -11.68 26.31 -14.33
CA ARG B 171 -12.68 27.37 -14.26
C ARG B 171 -12.66 28.09 -12.92
N GLY B 172 -11.44 28.39 -12.47
CA GLY B 172 -11.25 29.26 -11.32
C GLY B 172 -11.33 28.56 -9.99
N VAL B 173 -11.41 27.23 -10.04
CA VAL B 173 -11.56 26.42 -8.84
C VAL B 173 -10.47 25.36 -8.84
N PRO B 174 -9.73 25.24 -7.74
CA PRO B 174 -8.69 24.21 -7.67
C PRO B 174 -9.24 22.80 -7.80
N LEU B 175 -8.51 21.92 -8.47
CA LEU B 175 -8.86 20.51 -8.43
C LEU B 175 -8.99 20.07 -6.97
N GLY B 176 -9.96 19.20 -6.71
CA GLY B 176 -10.32 18.83 -5.35
C GLY B 176 -11.63 19.46 -4.89
N SER B 177 -12.12 20.46 -5.62
CA SER B 177 -13.29 21.21 -5.17
C SER B 177 -14.41 21.26 -6.21
N HIS B 178 -14.51 20.22 -7.04
CA HIS B 178 -15.56 20.21 -8.06
C HIS B 178 -16.65 19.15 -7.78
N GLY B 179 -16.67 18.61 -6.57
CA GLY B 179 -17.73 17.71 -6.17
C GLY B 179 -17.45 16.23 -6.35
N ASN B 180 -16.26 15.90 -6.87
CA ASN B 180 -15.85 14.50 -7.02
C ASN B 180 -14.72 14.17 -6.07
N CYS B 182 -11.10 13.10 -5.36
CA CYS B 182 -9.86 13.32 -6.11
C CYS B 182 -8.70 12.60 -5.44
N VAL B 183 -7.79 12.06 -6.24
CA VAL B 183 -6.59 11.45 -5.68
C VAL B 183 -5.34 12.09 -6.24
N PHE B 184 -4.56 12.70 -5.35
CA PHE B 184 -3.28 13.27 -5.70
C PHE B 184 -2.16 12.28 -5.36
N SER B 185 -1.07 12.34 -6.11
CA SER B 185 0.11 11.50 -5.87
C SER B 185 1.29 12.34 -5.43
N PHE B 186 1.99 11.86 -4.40
CA PHE B 186 3.22 12.48 -3.95
C PHE B 186 4.39 11.50 -4.11
N GLN B 187 4.30 10.66 -5.13
CA GLN B 187 5.41 9.79 -5.52
C GLN B 187 6.64 10.62 -5.91
N ALA B 188 7.83 10.02 -5.83
CA ALA B 188 9.11 10.72 -5.99
C ALA B 188 9.22 11.66 -7.20
N LEU B 189 8.62 11.28 -8.32
CA LEU B 189 8.75 12.09 -9.53
C LEU B 189 7.65 13.15 -9.72
N HIS B 191 5.09 16.40 -8.73
CA HIS B 191 5.44 17.78 -8.36
C HIS B 191 5.78 17.96 -6.88
N LEU B 192 4.88 17.48 -6.03
CA LEU B 192 5.07 17.51 -4.59
C LEU B 192 5.36 16.09 -4.17
N THR B 193 6.54 15.82 -3.61
CA THR B 193 6.79 14.44 -3.20
C THR B 193 6.99 14.27 -1.69
N CYS B 194 6.54 13.11 -1.22
CA CYS B 194 6.77 12.63 0.13
C CYS B 194 7.72 11.45 0.11
N GLY B 195 8.36 11.23 -1.04
CA GLY B 195 9.02 9.96 -1.32
C GLY B 195 7.97 9.05 -1.94
N ASP B 196 7.04 8.62 -1.10
CA ASP B 196 5.78 8.07 -1.56
C ASP B 196 4.69 8.65 -0.69
N GLY B 197 3.52 8.86 -1.29
CA GLY B 197 2.41 9.41 -0.55
C GLY B 197 1.31 9.77 -1.52
N GLY B 198 0.16 10.13 -0.96
CA GLY B 198 -0.94 10.61 -1.79
C GLY B 198 -1.95 11.32 -0.92
N LEU B 199 -2.98 11.84 -1.57
CA LEU B 199 -4.05 12.54 -0.87
C LEU B 199 -5.37 12.23 -1.52
N LEU B 200 -6.32 11.75 -0.74
CA LEU B 200 -7.70 11.57 -1.20
C LEU B 200 -8.52 12.72 -0.69
N THR B 201 -9.18 13.46 -1.61
CA THR B 201 -10.06 14.53 -1.16
C THR B 201 -11.51 14.12 -1.36
N LEU B 202 -12.37 14.53 -0.44
CA LEU B 202 -13.77 14.12 -0.46
C LEU B 202 -14.70 15.32 -0.60
N PRO B 203 -15.83 15.11 -1.28
CA PRO B 203 -16.80 16.20 -1.44
C PRO B 203 -17.81 16.34 -0.30
N GLY B 204 -17.83 15.40 0.64
CA GLY B 204 -18.80 15.44 1.73
C GLY B 204 -18.34 14.77 3.00
N ASP B 205 -19.03 15.04 4.11
CA ASP B 205 -18.63 14.55 5.43
C ASP B 205 -18.68 13.04 5.59
N GLU B 206 -19.73 12.40 5.08
CA GLU B 206 -19.86 10.97 5.26
C GLU B 206 -18.68 10.24 4.62
N LEU B 207 -18.34 10.60 3.38
CA LEU B 207 -17.20 9.98 2.72
C LEU B 207 -15.90 10.29 3.46
N HIS B 208 -15.76 11.52 3.95
CA HIS B 208 -14.56 11.91 4.68
C HIS B 208 -14.36 11.01 5.92
N GLU B 209 -15.42 10.85 6.68
N GLU B 209 -15.43 10.86 6.69
CA GLU B 209 -15.34 10.06 7.91
CA GLU B 209 -15.35 10.06 7.91
C GLU B 209 -15.04 8.60 7.63
C GLU B 209 -15.02 8.60 7.60
N ARG B 210 -15.67 8.04 6.60
CA ARG B 210 -15.41 6.65 6.21
C ARG B 210 -13.98 6.50 5.68
N ALA B 211 -13.49 7.49 4.93
CA ALA B 211 -12.12 7.44 4.40
C ALA B 211 -11.10 7.43 5.53
N LEU B 213 -11.43 6.33 8.52
CA LEU B 213 -11.43 5.03 9.18
C LEU B 213 -10.81 3.94 8.30
N ARG B 214 -11.27 3.85 7.06
N ARG B 214 -11.27 3.83 7.06
CA ARG B 214 -10.90 2.72 6.21
CA ARG B 214 -10.88 2.72 6.22
C ARG B 214 -9.46 2.80 5.68
C ARG B 214 -9.42 2.77 5.79
N ARG B 215 -8.81 3.97 5.80
CA ARG B 215 -7.41 4.06 5.39
C ARG B 215 -6.49 3.31 6.37
N PHE B 216 -6.98 2.99 7.57
CA PHE B 216 -6.22 2.20 8.53
C PHE B 216 -7.12 1.09 9.09
N TYR B 217 -7.45 0.14 8.22
CA TYR B 217 -8.14 -1.09 8.61
C TYR B 217 -9.55 -0.90 9.15
N GLY B 218 -10.09 0.31 9.05
CA GLY B 218 -11.38 0.58 9.68
C GLY B 218 -11.28 0.80 11.19
N ILE B 219 -10.05 0.95 11.68
CA ILE B 219 -9.81 1.13 13.11
C ILE B 219 -9.73 2.62 13.47
N ASP B 220 -10.61 3.03 14.39
CA ASP B 220 -10.57 4.37 14.97
C ASP B 220 -9.31 4.47 15.84
N ARG B 221 -8.35 5.26 15.40
CA ARG B 221 -7.06 5.29 16.08
C ARG B 221 -7.10 6.02 17.43
N THR B 222 -8.21 6.71 17.71
CA THR B 222 -8.38 7.35 19.01
C THR B 222 -8.95 6.40 20.06
N ALA B 223 -9.40 5.22 19.62
CA ALA B 223 -10.02 4.25 20.52
C ALA B 223 -9.01 3.51 21.39
N ASP B 224 -9.51 2.88 22.44
CA ASP B 224 -8.68 2.14 23.40
C ASP B 224 -8.44 0.73 22.88
N ARG B 225 -7.43 0.58 22.04
N ARG B 225 -7.44 0.58 22.01
CA ARG B 225 -7.17 -0.70 21.39
CA ARG B 225 -7.17 -0.72 21.39
C ARG B 225 -6.62 -1.74 22.37
C ARG B 225 -6.65 -1.74 22.38
N LEU B 226 -5.94 -1.27 23.41
CA LEU B 226 -5.41 -2.14 24.44
C LEU B 226 -6.52 -2.91 25.17
N ARG B 227 -7.71 -2.32 25.24
CA ARG B 227 -8.83 -2.95 25.89
C ARG B 227 -9.84 -3.51 24.88
N GLY B 228 -9.46 -3.52 23.61
CA GLY B 228 -10.32 -4.05 22.56
C GLY B 228 -11.59 -3.25 22.38
N ALA B 229 -11.56 -1.99 22.81
CA ALA B 229 -12.74 -1.14 22.82
C ALA B 229 -12.89 -0.37 21.52
N TYR B 230 -13.00 -1.10 20.42
CA TYR B 230 -13.21 -0.48 19.12
C TYR B 230 -13.91 -1.49 18.23
N ASP B 231 -14.62 -1.01 17.23
CA ASP B 231 -15.35 -1.86 16.31
C ASP B 231 -15.05 -1.45 14.87
N VAL B 232 -14.69 -2.42 14.04
CA VAL B 232 -14.48 -2.14 12.63
C VAL B 232 -15.80 -2.34 11.90
N ALA B 233 -16.42 -1.23 11.51
CA ALA B 233 -17.71 -1.27 10.83
C ALA B 233 -17.58 -1.70 9.37
N GLU B 234 -16.48 -1.25 8.76
N GLU B 234 -16.52 -1.25 8.72
CA GLU B 234 -16.11 -1.57 7.38
CA GLU B 234 -16.19 -1.68 7.36
C GLU B 234 -14.61 -1.80 7.35
C GLU B 234 -14.67 -1.77 7.24
N TRP B 235 -14.18 -2.90 6.74
CA TRP B 235 -12.75 -3.18 6.70
C TRP B 235 -11.99 -2.21 5.80
N GLY B 236 -10.69 -2.12 6.06
CA GLY B 236 -9.80 -1.40 5.16
C GLY B 236 -8.44 -2.08 5.22
N LEU B 237 -7.48 -1.56 4.46
CA LEU B 237 -6.12 -2.08 4.53
C LEU B 237 -5.18 -1.03 5.13
N LYS B 238 -3.88 -1.17 4.88
CA LYS B 238 -2.91 -0.22 5.39
C LYS B 238 -2.69 0.83 4.31
N TRP B 239 -3.66 1.73 4.17
CA TRP B 239 -3.66 2.69 3.09
C TRP B 239 -3.22 4.07 3.53
N HIS B 240 -2.90 4.24 4.80
CA HIS B 240 -2.56 5.55 5.34
C HIS B 240 -1.11 5.96 5.05
N THR B 242 2.32 7.74 6.91
CA THR B 242 2.93 7.92 8.23
C THR B 242 3.78 9.19 8.30
N ASP B 243 4.26 9.50 9.50
CA ASP B 243 4.95 10.76 9.75
C ASP B 243 6.28 10.87 9.00
N LEU B 244 6.96 9.76 8.73
CA LEU B 244 8.20 9.83 7.98
C LEU B 244 7.97 10.49 6.61
N ASN B 245 6.92 10.05 5.94
CA ASN B 245 6.66 10.59 4.62
C ASN B 245 5.98 11.96 4.70
N ALA B 246 5.16 12.18 5.72
CA ALA B 246 4.55 13.52 5.86
C ALA B 246 5.62 14.58 6.09
N ALA B 247 6.67 14.23 6.83
CA ALA B 247 7.78 15.15 7.10
C ALA B 247 8.47 15.56 5.80
N ILE B 248 8.67 14.62 4.90
CA ILE B 248 9.30 14.90 3.63
C ILE B 248 8.40 15.82 2.80
N GLY B 249 7.10 15.51 2.78
CA GLY B 249 6.15 16.37 2.10
C GLY B 249 6.14 17.80 2.64
N LEU B 250 6.18 17.94 3.96
CA LEU B 250 6.23 19.26 4.57
C LEU B 250 7.44 20.05 4.11
N ALA B 251 8.57 19.36 4.02
CA ALA B 251 9.80 20.01 3.58
C ALA B 251 9.70 20.48 2.14
N ASN B 252 8.98 19.71 1.33
CA ASN B 252 8.92 20.00 -0.10
C ASN B 252 7.83 21.03 -0.45
N LEU B 253 6.97 21.33 0.50
CA LEU B 253 5.91 22.32 0.26
C LEU B 253 6.45 23.73 0.03
N GLU B 254 7.59 24.04 0.62
N GLU B 254 7.61 24.04 0.59
CA GLU B 254 8.14 25.39 0.58
CA GLU B 254 8.10 25.40 0.59
C GLU B 254 8.36 25.88 -0.85
C GLU B 254 8.54 25.90 -0.78
N THR B 255 8.82 24.99 -1.72
CA THR B 255 9.22 25.44 -3.06
C THR B 255 8.39 24.85 -4.19
N VAL B 256 7.33 24.11 -3.88
CA VAL B 256 6.58 23.47 -4.94
C VAL B 256 5.89 24.52 -5.83
N ASP B 257 5.46 25.64 -5.26
CA ASP B 257 4.82 26.67 -6.08
C ASP B 257 5.78 27.28 -7.12
N GLU B 258 7.03 27.52 -6.72
CA GLU B 258 8.00 28.06 -7.64
C GLU B 258 8.32 27.03 -8.72
N GLN B 259 8.38 25.76 -8.33
CA GLN B 259 8.64 24.72 -9.32
C GLN B 259 7.48 24.64 -10.32
N LEU B 260 6.25 24.74 -9.85
N LEU B 260 6.25 24.76 -9.84
CA LEU B 260 5.08 24.75 -10.74
CA LEU B 260 5.09 24.73 -10.72
C LEU B 260 5.15 25.92 -11.70
C LEU B 260 5.10 25.93 -11.67
N ARG B 261 5.54 27.07 -11.18
CA ARG B 261 5.67 28.26 -12.00
C ARG B 261 6.65 28.01 -13.14
N LEU B 262 7.73 27.28 -12.85
CA LEU B 262 8.73 26.99 -13.88
C LEU B 262 8.20 25.99 -14.91
N HIS B 263 7.51 24.94 -14.45
CA HIS B 263 6.84 24.03 -15.38
C HIS B 263 5.97 24.81 -16.37
N ARG B 264 5.18 25.72 -15.82
CA ARG B 264 4.25 26.49 -16.64
C ARG B 264 4.96 27.48 -17.57
N GLU B 265 6.02 28.12 -17.09
CA GLU B 265 6.83 29.04 -17.88
C GLU B 265 7.49 28.29 -19.03
N ASN B 266 8.00 27.09 -18.75
CA ASN B 266 8.65 26.30 -19.78
C ASN B 266 7.63 25.87 -20.84
N ALA B 267 6.44 25.47 -20.39
CA ALA B 267 5.37 25.10 -21.31
C ALA B 267 4.99 26.27 -22.20
N ALA B 268 4.89 27.47 -21.61
CA ALA B 268 4.57 28.66 -22.38
C ALA B 268 5.65 28.94 -23.43
N PHE B 269 6.91 28.70 -23.06
CA PHE B 269 8.03 28.86 -23.98
C PHE B 269 7.88 27.90 -25.18
N TYR B 270 7.62 26.63 -24.90
CA TYR B 270 7.39 25.65 -25.98
C TYR B 270 6.20 26.03 -26.85
N ASP B 271 5.11 26.47 -26.22
CA ASP B 271 3.92 26.94 -26.95
C ASP B 271 4.30 27.98 -27.98
N LYS B 272 5.20 28.88 -27.60
CA LYS B 272 5.57 30.01 -28.42
C LYS B 272 6.56 29.62 -29.51
N GLU B 273 7.46 28.70 -29.16
CA GLU B 273 8.61 28.46 -30.01
C GLU B 273 8.49 27.18 -30.85
N LEU B 274 7.48 26.36 -30.58
CA LEU B 274 7.35 25.12 -31.33
C LEU B 274 6.19 25.14 -32.32
N THR B 275 5.55 26.30 -32.47
N THR B 275 5.53 26.29 -32.45
CA THR B 275 4.54 26.43 -33.51
CA THR B 275 4.51 26.47 -33.48
C THR B 275 5.26 26.63 -34.82
C THR B 275 5.18 26.74 -34.83
N GLY B 276 4.62 26.20 -35.90
CA GLY B 276 5.13 26.36 -37.25
C GLY B 276 6.24 25.41 -37.64
N VAL B 277 6.45 24.37 -36.83
CA VAL B 277 7.43 23.34 -37.15
C VAL B 277 6.74 22.25 -37.97
N PRO B 278 7.18 22.05 -39.22
CA PRO B 278 6.55 21.00 -40.04
C PRO B 278 6.70 19.64 -39.39
N GLY B 279 5.62 18.87 -39.39
CA GLY B 279 5.64 17.53 -38.82
C GLY B 279 5.47 17.50 -37.32
N LEU B 280 5.22 18.65 -36.71
CA LEU B 280 4.97 18.69 -35.28
C LEU B 280 3.66 19.42 -35.02
N GLU B 281 2.79 18.79 -34.24
CA GLU B 281 1.49 19.34 -33.88
C GLU B 281 1.40 19.53 -32.36
N LEU B 282 1.07 20.74 -31.93
CA LEU B 282 0.87 21.00 -30.51
C LEU B 282 -0.55 20.63 -30.11
N LEU B 283 -0.72 20.39 -28.82
N LEU B 283 -0.75 20.42 -28.81
CA LEU B 283 -2.05 20.17 -28.26
CA LEU B 283 -2.10 20.22 -28.29
C LEU B 283 -2.62 21.54 -27.92
C LEU B 283 -2.69 21.57 -27.88
N GLN B 284 -3.87 21.80 -28.32
N GLN B 284 -3.86 21.90 -28.40
CA GLN B 284 -4.48 23.08 -28.03
CA GLN B 284 -4.48 23.18 -28.06
C GLN B 284 -5.15 23.05 -26.67
C GLN B 284 -5.16 23.09 -26.70
N ARG B 285 -4.67 23.86 -25.75
CA ARG B 285 -5.18 23.84 -24.38
C ARG B 285 -6.16 24.98 -24.18
N SER B 286 -7.22 24.74 -23.43
CA SER B 286 -8.27 25.74 -23.24
C SER B 286 -7.85 26.77 -22.19
N PRO B 287 -8.21 28.03 -22.42
CA PRO B 287 -7.81 29.08 -21.48
C PRO B 287 -8.67 29.14 -20.21
N ASP B 288 -9.62 28.23 -20.07
CA ASP B 288 -10.53 28.27 -18.92
C ASP B 288 -10.01 27.42 -17.76
N ARG B 289 -8.77 26.94 -17.86
CA ARG B 289 -8.20 26.07 -16.84
C ARG B 289 -6.69 26.24 -16.82
N GLU B 290 -6.06 25.77 -15.75
CA GLU B 290 -4.61 25.90 -15.61
C GLU B 290 -4.04 24.53 -15.28
N GLY B 291 -3.28 23.96 -16.21
CA GLY B 291 -2.68 22.65 -16.03
C GLY B 291 -1.33 22.73 -15.33
N SER B 292 -0.75 21.56 -15.03
CA SER B 292 0.49 21.52 -14.26
C SER B 292 1.69 20.98 -15.02
N PHE B 293 1.47 20.52 -16.26
CA PHE B 293 2.55 20.16 -17.16
C PHE B 293 3.59 19.24 -16.54
N TYR B 294 3.13 18.08 -16.09
CA TYR B 294 4.02 17.02 -15.62
C TYR B 294 5.06 16.73 -16.70
N VAL B 295 4.60 16.63 -17.93
CA VAL B 295 5.44 16.57 -19.12
C VAL B 295 4.76 17.47 -20.16
N TYR B 296 5.41 17.69 -21.28
CA TYR B 296 4.84 18.50 -22.36
C TYR B 296 4.66 17.63 -23.60
N ASP B 297 3.40 17.40 -23.99
CA ASP B 297 3.12 16.50 -25.11
C ASP B 297 3.08 17.21 -26.44
N VAL B 298 3.61 16.54 -27.46
CA VAL B 298 3.40 16.93 -28.84
C VAL B 298 3.08 15.70 -29.67
N LYS B 299 2.66 15.92 -30.91
CA LYS B 299 2.43 14.81 -31.83
C LYS B 299 3.29 15.03 -33.07
N VAL B 300 4.07 14.03 -33.47
CA VAL B 300 5.00 14.23 -34.58
C VAL B 300 4.87 13.19 -35.68
N ASP B 301 5.19 13.62 -36.90
CA ASP B 301 5.40 12.72 -38.03
C ASP B 301 6.78 12.09 -37.91
N ASP B 302 6.93 10.89 -38.47
CA ASP B 302 8.21 10.18 -38.44
C ASP B 302 8.78 10.15 -37.03
N ARG B 303 8.00 9.65 -36.08
CA ARG B 303 8.43 9.64 -34.69
C ARG B 303 9.71 8.82 -34.43
N PRO B 304 9.93 7.71 -35.17
CA PRO B 304 11.21 7.04 -34.93
C PRO B 304 12.44 7.93 -35.16
N ALA B 305 12.40 8.74 -36.22
CA ALA B 305 13.48 9.68 -36.49
C ALA B 305 13.54 10.78 -35.43
N PHE B 306 12.36 11.18 -34.95
CA PHE B 306 12.30 12.19 -33.90
C PHE B 306 12.96 11.67 -32.64
N HIS B 307 12.64 10.43 -32.28
CA HIS B 307 13.26 9.80 -31.11
C HIS B 307 14.78 9.75 -31.23
N ARG B 308 15.28 9.33 -32.40
CA ARG B 308 16.72 9.24 -32.61
C ARG B 308 17.36 10.61 -32.49
N LYS B 309 16.66 11.62 -32.99
CA LYS B 309 17.14 13.00 -32.90
C LYS B 309 17.24 13.44 -31.44
N GLU B 311 17.44 11.56 -28.70
N GLU B 311 17.45 11.56 -28.70
CA GLU B 311 18.46 10.76 -28.03
CA GLU B 311 18.46 10.78 -28.00
C GLU B 311 19.87 11.27 -28.31
C GLU B 311 19.88 11.26 -28.32
N ALA B 312 20.14 11.55 -29.58
CA ALA B 312 21.47 12.00 -30.00
C ALA B 312 21.79 13.37 -29.40
N ALA B 313 20.74 14.14 -29.10
CA ALA B 313 20.92 15.47 -28.53
C ALA B 313 20.87 15.45 -27.00
N GLY B 314 20.81 14.26 -26.43
CA GLY B 314 20.77 14.10 -24.98
C GLY B 314 19.49 14.62 -24.36
N ILE B 315 18.38 14.42 -25.06
CA ILE B 315 17.07 14.80 -24.57
C ILE B 315 16.23 13.55 -24.39
N ALA B 317 12.93 11.70 -24.22
CA ALA B 317 11.62 11.95 -24.79
C ALA B 317 10.93 10.63 -25.09
N GLY B 318 9.65 10.52 -24.78
CA GLY B 318 8.92 9.31 -25.09
C GLY B 318 7.58 9.19 -24.40
N LEU B 319 7.22 7.96 -24.03
CA LEU B 319 5.95 7.68 -23.38
C LEU B 319 6.08 7.64 -21.87
N VAL B 320 5.02 8.07 -21.19
CA VAL B 320 4.92 7.88 -19.75
C VAL B 320 4.63 6.40 -19.47
N SER B 321 3.71 5.82 -20.24
CA SER B 321 3.37 4.40 -20.13
C SER B 321 2.93 3.82 -21.47
N ARG B 322 2.96 2.49 -21.58
CA ARG B 322 2.30 1.81 -22.69
C ARG B 322 0.79 1.95 -22.52
N ARG B 323 0.05 2.16 -23.60
CA ARG B 323 -1.41 2.15 -23.51
C ARG B 323 -1.87 0.85 -22.83
N ASN B 324 -2.68 0.99 -21.77
CA ASN B 324 -2.87 -0.15 -20.86
C ASN B 324 -3.69 -1.26 -21.48
N ASP B 325 -4.47 -0.93 -22.52
CA ASP B 325 -5.34 -1.93 -23.13
C ASP B 325 -4.57 -2.96 -23.96
N GLU B 326 -3.28 -2.72 -24.19
CA GLU B 326 -2.44 -3.65 -24.92
C GLU B 326 -1.79 -4.73 -24.04
N HIS B 327 -1.89 -4.60 -22.72
CA HIS B 327 -1.26 -5.58 -21.84
C HIS B 327 -1.98 -6.91 -21.91
N SER B 328 -1.22 -8.01 -21.87
CA SER B 328 -1.82 -9.31 -22.06
C SER B 328 -2.75 -9.67 -20.91
N CYS B 329 -2.55 -9.10 -19.73
CA CYS B 329 -3.44 -9.38 -18.60
C CYS B 329 -4.87 -8.87 -18.84
N VAL B 330 -5.05 -7.99 -19.81
CA VAL B 330 -6.41 -7.49 -20.10
C VAL B 330 -6.80 -7.73 -21.55
N ALA B 331 -6.24 -8.77 -22.17
CA ALA B 331 -6.57 -9.10 -23.55
C ALA B 331 -8.07 -9.35 -23.74
N HIS B 332 -8.74 -9.84 -22.70
CA HIS B 332 -10.17 -10.15 -22.78
C HIS B 332 -11.06 -8.90 -22.77
N LEU B 333 -10.45 -7.73 -22.53
CA LEU B 333 -11.21 -6.48 -22.43
C LEU B 333 -11.00 -5.55 -23.62
N ARG B 334 -10.29 -6.01 -24.65
CA ARG B 334 -9.98 -5.14 -25.78
C ARG B 334 -11.22 -4.69 -26.54
N THR B 335 -11.21 -3.41 -26.93
N THR B 335 -11.18 -3.43 -26.98
CA THR B 335 -12.27 -2.85 -27.77
CA THR B 335 -12.24 -2.85 -27.77
C THR B 335 -11.65 -1.85 -28.75
C THR B 335 -11.65 -1.84 -28.74
N SER B 336 -12.45 -1.38 -29.69
CA SER B 336 -11.99 -0.46 -30.70
C SER B 336 -11.87 0.95 -30.13
N LEU B 337 -10.68 1.53 -30.18
CA LEU B 337 -10.44 2.89 -29.66
C LEU B 337 -9.76 3.74 -30.74
N PRO B 338 -10.54 4.18 -31.74
CA PRO B 338 -9.94 4.83 -32.90
C PRO B 338 -9.28 6.18 -32.61
N GLY B 339 -9.79 6.90 -31.62
CA GLY B 339 -9.19 8.17 -31.24
C GLY B 339 -7.77 7.94 -30.74
N LEU B 340 -7.63 7.01 -29.80
CA LEU B 340 -6.31 6.67 -29.30
C LEU B 340 -5.43 6.11 -30.41
N ASP B 341 -5.98 5.24 -31.25
CA ASP B 341 -5.21 4.71 -32.37
C ASP B 341 -4.63 5.82 -33.24
N SER B 342 -5.38 6.91 -33.41
CA SER B 342 -4.98 7.96 -34.35
C SER B 342 -3.85 8.83 -33.84
N VAL B 343 -3.54 8.73 -32.55
CA VAL B 343 -2.46 9.53 -31.98
C VAL B 343 -1.36 8.73 -31.29
N TYR B 344 -1.59 7.45 -31.01
CA TYR B 344 -0.66 6.73 -30.15
C TYR B 344 0.74 6.56 -30.75
N ASP B 345 0.83 6.51 -32.08
CA ASP B 345 2.13 6.34 -32.73
C ASP B 345 2.77 7.68 -33.06
N ARG B 346 2.11 8.76 -32.67
N ARG B 346 2.11 8.77 -32.68
CA ARG B 346 2.59 10.11 -32.95
CA ARG B 346 2.63 10.11 -32.96
C ARG B 346 3.01 10.84 -31.69
C ARG B 346 2.98 10.89 -31.70
N VAL B 348 4.55 12.17 -28.22
N VAL B 348 4.55 12.20 -28.28
CA VAL B 348 5.81 12.08 -27.52
CA VAL B 348 5.83 12.24 -27.58
C VAL B 348 5.84 13.16 -26.44
C VAL B 348 5.68 13.16 -26.38
N SER B 349 6.26 12.76 -25.24
CA SER B 349 6.35 13.65 -24.09
C SER B 349 7.75 14.24 -24.03
N LEU B 350 7.82 15.56 -23.83
CA LEU B 350 9.09 16.28 -23.74
C LEU B 350 9.34 16.81 -22.33
N PRO B 351 10.62 16.92 -21.94
CA PRO B 351 10.95 17.50 -20.62
C PRO B 351 10.48 18.95 -20.51
N VAL B 352 9.84 19.30 -19.40
CA VAL B 352 9.31 20.64 -19.27
C VAL B 352 9.44 21.16 -17.83
N GLY B 353 9.99 20.33 -16.94
CA GLY B 353 10.03 20.64 -15.52
C GLY B 353 11.00 21.68 -15.02
N TRP B 354 10.99 21.90 -13.70
CA TRP B 354 11.76 22.97 -13.05
C TRP B 354 13.28 22.85 -13.23
N TRP B 355 13.75 21.64 -13.58
CA TRP B 355 15.17 21.38 -13.69
C TRP B 355 15.76 21.85 -15.02
N LEU B 356 14.89 22.28 -15.93
CA LEU B 356 15.33 22.84 -17.21
C LEU B 356 15.90 24.25 -17.07
N THR B 357 17.18 24.42 -17.35
CA THR B 357 17.73 25.77 -17.43
C THR B 357 17.21 26.45 -18.71
N GLU B 358 17.40 27.75 -18.82
CA GLU B 358 17.04 28.43 -20.06
C GLU B 358 17.82 27.83 -21.21
N GLN B 359 19.07 27.48 -20.96
CA GLN B 359 19.91 26.85 -21.98
C GLN B 359 19.36 25.49 -22.38
N ASP B 360 18.88 24.73 -21.39
CA ASP B 360 18.27 23.43 -21.66
C ASP B 360 17.04 23.53 -22.57
N ARG B 361 16.11 24.42 -22.24
CA ARG B 361 14.87 24.49 -23.01
C ARG B 361 15.13 25.05 -24.40
N GLU B 362 16.10 25.95 -24.51
N GLU B 362 16.11 25.95 -24.51
CA GLU B 362 16.50 26.47 -25.83
CA GLU B 362 16.50 26.46 -25.82
C GLU B 362 17.13 25.37 -26.67
C GLU B 362 17.08 25.33 -26.66
N HIS B 363 17.85 24.45 -26.03
CA HIS B 363 18.46 23.31 -26.70
C HIS B 363 17.39 22.34 -27.23
N VAL B 364 16.34 22.13 -26.44
CA VAL B 364 15.23 21.28 -26.88
C VAL B 364 14.59 21.89 -28.13
N VAL B 365 14.27 23.18 -28.06
CA VAL B 365 13.63 23.84 -29.18
C VAL B 365 14.54 23.89 -30.41
N ALA B 366 15.82 24.22 -30.22
CA ALA B 366 16.77 24.31 -31.34
C ALA B 366 16.95 22.95 -32.02
N THR B 367 16.96 21.89 -31.22
CA THR B 367 17.12 20.55 -31.76
C THR B 367 15.94 20.20 -32.65
N ILE B 368 14.73 20.42 -32.13
CA ILE B 368 13.51 20.19 -32.90
C ILE B 368 13.47 21.02 -34.18
N ARG B 369 13.87 22.28 -34.07
CA ARG B 369 13.81 23.19 -35.22
C ARG B 369 14.86 22.87 -36.29
N SER B 370 15.85 22.05 -35.96
CA SER B 370 16.86 21.68 -36.96
C SER B 370 16.38 20.52 -37.82
N GLY B 371 15.23 19.97 -37.49
CA GLY B 371 14.59 18.92 -38.27
C GLY B 371 15.02 17.53 -37.86
N TRP B 372 14.33 16.51 -38.36
CA TRP B 372 14.66 15.13 -38.03
C TRP B 372 14.34 14.20 -39.18
#